data_9PKC
#
_entry.id   9PKC
#
_cell.length_a   72.533
_cell.length_b   72.807
_cell.length_c   173.429
_cell.angle_alpha   90.000
_cell.angle_beta   90.000
_cell.angle_gamma   90.000
#
_symmetry.space_group_name_H-M   'P 2 21 21'
#
loop_
_entity.id
_entity.type
_entity.pdbx_description
1 polymer 'MHC class I antigen'
2 polymer 'Mur35 Heavy Chain'
3 polymer 'Mur35 Light Chain'
4 polymer 'c18V peptide'
5 polymer Beta-2-microglobulin
6 water water
#
loop_
_entity_poly.entity_id
_entity_poly.type
_entity_poly.pdbx_seq_one_letter_code
_entity_poly.pdbx_strand_id
1 'polypeptide(L)'
;MGSHSMRYFFTSVSRPGRGEPRFIAVGYVDDTQFVRFDSDAASQRMEPRAPWIEQEGPEYWDGETRKVKAHSQTHRVDLG
TLRGYYNQSEAGSHTVQRMYGCDVGSDWRFLRGYHQYAYDGKDYIALKEDLRSWTAADMAAQTTKHKWEAAHVAEQLRAY
LEGTCVEWLRRYLENGKETLQRTDAPKTHMTHHAVSDHEATLRCWALSFYPAEITLTWQRDGEDQTQDTELVETRPAGDG
TFQKWAAVVVPSGQEQRYTCHVQHEGLPKPLTLRWEPGSGGSGGSAGGGLNDIFEAQKIEW
;
A
2 'polypeptide(L)'
;EVQLQQSGPELVKPGASVKISCKASGYTFTDHFMNWVRQSHGKSLEWIGDINPNNGGTSYNQKFKGKATLTVDKSSSTAF
MEVRSLTSDDSAVYYCARRGYYGSFDYWGQGTTLTVSSASTKGPSVFPLAPSSKSTSGGTAALGCLVKDYFPEPVTVSWN
SGALTSGVHTFPAVLQSSGLYSLSSVVTVPSSSLGTQTYICNVNHKPSNTKVDKRVEPKSCHHHHHHHHDYKDDDDK
;
H
3 'polypeptide(L)'
;EIVMTQSPATLSLSPGERATLSCRASQGVSSSYFSWYQQTPGQAPRLLISGASTRATGIPARFSGSGSGTDFTLTISSLQ
PEDFAVYYCQQDYNLPYTFGQGTKLEIKRTVAAPSVFIFPPSDEQLKSGTASVVCLLNNFYPREAKVQWKVDNALQSGNS
QESVTEQDSKDSTYSLSSTLTLSKADYEKHKVYACEVTHQGLSSPVTKSFNRGEC
;
L
4 'polypeptide(L)' FLPSDFFPSV P
5 'polypeptide(L)'
;MIQRTPKIQVYSRHPAENGKSNFLNCYVSGFHPSDIEVDLLKNGERIEKVEHSDLSFSKDWSFYLLYYTEFTPTEKDEYA
CRVNHVTLSQPKIVKWDRDM
;
B
#
# COMPACT_ATOMS: atom_id res chain seq x y z
N GLY A 2 26.50 -5.40 -31.55
CA GLY A 2 25.38 -4.53 -31.85
C GLY A 2 24.58 -4.15 -30.62
N SER A 3 23.38 -3.62 -30.84
CA SER A 3 22.52 -3.24 -29.73
C SER A 3 21.88 -4.49 -29.11
N HIS A 4 21.51 -4.37 -27.83
CA HIS A 4 20.87 -5.47 -27.12
C HIS A 4 19.85 -4.91 -26.15
N SER A 5 18.79 -5.69 -25.90
CA SER A 5 17.70 -5.27 -25.03
C SER A 5 17.25 -6.44 -24.16
N MET A 6 16.91 -6.12 -22.92
CA MET A 6 16.26 -7.07 -22.01
C MET A 6 14.90 -6.51 -21.65
N ARG A 7 13.85 -7.31 -21.87
CA ARG A 7 12.48 -6.88 -21.63
C ARG A 7 11.77 -7.86 -20.72
N TYR A 8 10.67 -7.39 -20.13
CA TYR A 8 9.79 -8.20 -19.30
C TYR A 8 8.35 -7.84 -19.60
N PHE A 9 7.50 -8.86 -19.77
CA PHE A 9 6.10 -8.67 -20.10
C PHE A 9 5.25 -9.31 -19.01
N PHE A 10 4.32 -8.53 -18.45
CA PHE A 10 3.48 -8.99 -17.35
C PHE A 10 2.01 -8.85 -17.72
N THR A 11 1.24 -9.88 -17.42
CA THR A 11 -0.19 -9.90 -17.69
C THR A 11 -0.91 -10.48 -16.48
N SER A 12 -1.94 -9.79 -16.01
CA SER A 12 -2.80 -10.27 -14.93
C SER A 12 -4.25 -10.09 -15.35
N VAL A 13 -4.99 -11.18 -15.46
CA VAL A 13 -6.39 -11.17 -15.85
C VAL A 13 -7.22 -11.53 -14.63
N SER A 14 -8.10 -10.63 -14.22
CA SER A 14 -8.97 -10.88 -13.08
C SER A 14 -10.09 -11.83 -13.48
N ARG A 15 -10.31 -12.86 -12.66
CA ARG A 15 -11.39 -13.80 -12.88
C ARG A 15 -12.40 -13.67 -11.77
N PRO A 16 -13.63 -13.24 -12.05
CA PRO A 16 -14.61 -13.00 -10.98
C PRO A 16 -14.99 -14.26 -10.23
N GLY A 17 -14.62 -14.32 -8.96
CA GLY A 17 -15.00 -15.43 -8.11
C GLY A 17 -14.35 -16.76 -8.46
N ARG A 18 -13.21 -16.75 -9.15
CA ARG A 18 -12.50 -17.97 -9.51
C ARG A 18 -11.08 -18.00 -8.98
N GLY A 19 -10.78 -17.19 -7.97
CA GLY A 19 -9.49 -17.21 -7.33
C GLY A 19 -8.67 -15.96 -7.59
N GLU A 20 -7.37 -16.07 -7.33
CA GLU A 20 -6.45 -14.99 -7.64
C GLU A 20 -6.41 -14.76 -9.14
N PRO A 21 -6.10 -13.55 -9.57
CA PRO A 21 -6.00 -13.29 -11.01
C PRO A 21 -4.92 -14.13 -11.66
N ARG A 22 -5.14 -14.49 -12.92
CA ARG A 22 -4.18 -15.26 -13.70
C ARG A 22 -3.00 -14.35 -14.06
N PHE A 23 -1.86 -14.57 -13.42
CA PHE A 23 -0.66 -13.79 -13.66
C PHE A 23 0.33 -14.57 -14.51
N ILE A 24 0.85 -13.92 -15.56
CA ILE A 24 1.77 -14.54 -16.50
C ILE A 24 2.89 -13.56 -16.81
N ALA A 25 4.14 -14.01 -16.67
CA ALA A 25 5.30 -13.16 -16.87
C ALA A 25 6.32 -13.86 -17.75
N VAL A 26 6.90 -13.12 -18.70
CA VAL A 26 7.91 -13.64 -19.61
C VAL A 26 9.03 -12.61 -19.73
N GLY A 27 10.27 -13.10 -19.77
CA GLY A 27 11.44 -12.24 -19.91
C GLY A 27 12.20 -12.56 -21.19
N TYR A 28 12.61 -11.51 -21.89
CA TYR A 28 13.31 -11.65 -23.16
C TYR A 28 14.68 -11.00 -23.09
N VAL A 29 15.66 -11.65 -23.70
CA VAL A 29 16.92 -11.03 -24.09
C VAL A 29 16.91 -10.94 -25.60
N ASP A 30 16.76 -9.72 -26.12
CA ASP A 30 16.58 -9.47 -27.56
C ASP A 30 15.35 -10.23 -28.01
N ASP A 31 15.45 -11.20 -28.92
CA ASP A 31 14.29 -11.97 -29.37
C ASP A 31 14.29 -13.38 -28.79
N THR A 32 14.94 -13.59 -27.65
CA THR A 32 15.07 -14.91 -27.05
C THR A 32 14.50 -14.86 -25.64
N GLN A 33 13.41 -15.58 -25.41
CA GLN A 33 12.83 -15.68 -24.08
C GLN A 33 13.66 -16.59 -23.19
N PHE A 34 13.89 -16.17 -21.95
CA PHE A 34 14.73 -16.94 -21.03
C PHE A 34 14.09 -17.26 -19.68
N VAL A 35 12.99 -16.60 -19.30
CA VAL A 35 12.30 -16.90 -18.05
C VAL A 35 10.80 -16.88 -18.27
N ARG A 36 10.08 -17.49 -17.33
CA ARG A 36 8.63 -17.64 -17.42
C ARG A 36 8.09 -17.83 -16.01
N PHE A 37 6.91 -17.26 -15.75
CA PHE A 37 6.19 -17.53 -14.52
C PHE A 37 4.69 -17.53 -14.81
N ASP A 38 4.02 -18.61 -14.42
CA ASP A 38 2.57 -18.73 -14.56
C ASP A 38 1.97 -19.00 -13.19
N SER A 39 0.97 -18.21 -12.81
CA SER A 39 0.37 -18.34 -11.49
C SER A 39 -0.32 -19.69 -11.31
N ASP A 40 -0.88 -20.24 -12.39
CA ASP A 40 -1.56 -21.52 -12.35
C ASP A 40 -0.62 -22.71 -12.55
N ALA A 41 0.68 -22.48 -12.66
CA ALA A 41 1.64 -23.57 -12.81
C ALA A 41 1.79 -24.33 -11.49
N ALA A 42 2.37 -25.52 -11.58
CA ALA A 42 2.58 -26.37 -10.42
C ALA A 42 3.86 -26.04 -9.67
N SER A 43 4.85 -25.45 -10.33
CA SER A 43 6.13 -25.20 -9.69
C SER A 43 6.08 -24.01 -8.73
N GLN A 44 5.23 -23.03 -9.02
CA GLN A 44 5.12 -21.81 -8.21
C GLN A 44 6.46 -21.08 -8.12
N ARG A 45 7.26 -21.15 -9.18
CA ARG A 45 8.56 -20.51 -9.20
C ARG A 45 8.91 -20.13 -10.62
N MET A 46 9.83 -19.18 -10.76
CA MET A 46 10.30 -18.77 -12.08
C MET A 46 11.02 -19.93 -12.75
N GLU A 47 10.77 -20.09 -14.05
CA GLU A 47 11.30 -21.23 -14.78
C GLU A 47 12.11 -20.78 -15.99
N PRO A 48 13.19 -21.50 -16.33
CA PRO A 48 14.00 -21.12 -17.49
C PRO A 48 13.34 -21.50 -18.80
N ARG A 49 13.64 -20.71 -19.83
CA ARG A 49 13.18 -20.98 -21.19
C ARG A 49 14.34 -20.96 -22.18
N ALA A 50 15.57 -20.93 -21.70
CA ALA A 50 16.78 -20.96 -22.52
C ALA A 50 17.85 -21.73 -21.77
N PRO A 51 18.72 -22.45 -22.48
CA PRO A 51 19.69 -23.30 -21.78
C PRO A 51 20.77 -22.51 -21.04
N TRP A 52 21.06 -21.29 -21.47
CA TRP A 52 22.18 -20.55 -20.86
C TRP A 52 21.82 -19.95 -19.51
N ILE A 53 20.55 -19.58 -19.30
CA ILE A 53 20.16 -19.02 -18.01
C ILE A 53 20.20 -20.06 -16.90
N GLU A 54 20.15 -21.35 -17.24
CA GLU A 54 20.19 -22.41 -16.24
C GLU A 54 21.54 -22.51 -15.54
N GLN A 55 22.57 -21.82 -16.03
CA GLN A 55 23.85 -21.77 -15.34
C GLN A 55 23.76 -21.06 -14.00
N GLU A 56 22.73 -20.24 -13.79
CA GLU A 56 22.56 -19.54 -12.53
C GLU A 56 22.17 -20.51 -11.42
N GLY A 57 22.80 -20.34 -10.25
CA GLY A 57 22.54 -21.22 -9.14
C GLY A 57 21.14 -21.03 -8.57
N PRO A 58 20.81 -21.85 -7.57
CA PRO A 58 19.48 -21.75 -6.96
C PRO A 58 19.22 -20.44 -6.25
N GLU A 59 20.26 -19.74 -5.80
CA GLU A 59 20.07 -18.43 -5.19
C GLU A 59 19.48 -17.45 -6.19
N TYR A 60 19.91 -17.53 -7.45
CA TYR A 60 19.34 -16.66 -8.48
C TYR A 60 17.86 -16.95 -8.68
N TRP A 61 17.49 -18.24 -8.74
CA TRP A 61 16.11 -18.61 -8.99
C TRP A 61 15.22 -18.35 -7.78
N ASP A 62 15.78 -18.37 -6.58
CA ASP A 62 15.01 -18.00 -5.40
C ASP A 62 14.62 -16.53 -5.46
N GLY A 63 15.60 -15.65 -5.70
CA GLY A 63 15.30 -14.23 -5.76
C GLY A 63 14.32 -13.89 -6.86
N GLU A 64 14.54 -14.44 -8.06
CA GLU A 64 13.65 -14.13 -9.18
C GLU A 64 12.24 -14.63 -8.92
N THR A 65 12.10 -15.71 -8.13
CA THR A 65 10.76 -16.22 -7.82
C THR A 65 10.05 -15.30 -6.82
N ARG A 66 10.77 -14.83 -5.79
CA ARG A 66 10.12 -14.00 -4.78
C ARG A 66 9.63 -12.69 -5.35
N LYS A 67 10.41 -12.04 -6.22
CA LYS A 67 10.01 -10.74 -6.74
C LYS A 67 9.13 -10.82 -7.97
N VAL A 68 9.04 -11.98 -8.63
CA VAL A 68 7.98 -12.14 -9.63
C VAL A 68 6.63 -12.32 -8.94
N LYS A 69 6.63 -12.84 -7.72
CA LYS A 69 5.40 -12.91 -6.95
C LYS A 69 5.00 -11.54 -6.42
N ALA A 70 5.99 -10.72 -6.07
CA ALA A 70 5.72 -9.34 -5.69
C ALA A 70 5.07 -8.58 -6.84
N HIS A 71 5.50 -8.85 -8.08
CA HIS A 71 4.84 -8.23 -9.23
C HIS A 71 3.39 -8.66 -9.33
N SER A 72 3.11 -9.95 -9.12
CA SER A 72 1.74 -10.43 -9.13
C SER A 72 0.95 -9.88 -7.95
N GLN A 73 1.62 -9.67 -6.81
CA GLN A 73 0.95 -9.10 -5.65
C GLN A 73 0.48 -7.67 -5.92
N THR A 74 1.30 -6.89 -6.64
CA THR A 74 0.93 -5.51 -6.94
C THR A 74 -0.16 -5.44 -8.00
N HIS A 75 -0.04 -6.26 -9.04
CA HIS A 75 -1.05 -6.28 -10.09
C HIS A 75 -2.40 -6.72 -9.57
N ARG A 76 -2.45 -7.47 -8.47
CA ARG A 76 -3.72 -7.86 -7.90
C ARG A 76 -4.40 -6.68 -7.22
N VAL A 77 -3.66 -5.94 -6.39
CA VAL A 77 -4.17 -4.72 -5.81
C VAL A 77 -4.52 -3.70 -6.91
N ASP A 78 -3.74 -3.68 -7.98
CA ASP A 78 -4.01 -2.75 -9.07
C ASP A 78 -5.37 -3.02 -9.70
N LEU A 79 -5.67 -4.28 -9.97
CA LEU A 79 -6.94 -4.63 -10.60
C LEU A 79 -8.12 -4.23 -9.74
N GLY A 80 -7.99 -4.40 -8.42
CA GLY A 80 -9.05 -3.94 -7.54
C GLY A 80 -9.12 -2.43 -7.44
N THR A 81 -7.95 -1.77 -7.47
CA THR A 81 -7.91 -0.31 -7.46
C THR A 81 -8.47 0.28 -8.75
N LEU A 82 -8.13 -0.32 -9.89
CA LEU A 82 -8.66 0.18 -11.16
C LEU A 82 -10.15 -0.08 -11.27
N ARG A 83 -10.64 -1.16 -10.67
CA ARG A 83 -12.08 -1.40 -10.63
C ARG A 83 -12.80 -0.31 -9.85
N GLY A 84 -12.14 0.23 -8.81
CA GLY A 84 -12.72 1.35 -8.08
C GLY A 84 -12.56 2.68 -8.76
N TYR A 85 -11.42 2.89 -9.46
CA TYR A 85 -11.22 4.15 -10.18
C TYR A 85 -12.28 4.36 -11.25
N TYR A 86 -12.64 3.31 -11.97
CA TYR A 86 -13.61 3.41 -13.06
C TYR A 86 -15.02 2.99 -12.65
N ASN A 87 -15.23 2.69 -11.37
CA ASN A 87 -16.54 2.31 -10.85
C ASN A 87 -17.16 1.16 -11.65
N GLN A 88 -16.40 0.09 -11.77
CA GLN A 88 -16.83 -1.09 -12.52
C GLN A 88 -17.30 -2.19 -11.58
N SER A 89 -18.16 -3.07 -12.12
CA SER A 89 -18.72 -4.15 -11.33
C SER A 89 -17.64 -5.14 -10.92
N GLU A 90 -17.86 -5.78 -9.77
CA GLU A 90 -16.96 -6.81 -9.28
C GLU A 90 -17.18 -8.16 -9.95
N ALA A 91 -18.09 -8.24 -10.93
CA ALA A 91 -18.38 -9.47 -11.64
C ALA A 91 -17.73 -9.53 -13.02
N GLY A 92 -17.06 -8.47 -13.46
CA GLY A 92 -16.42 -8.46 -14.74
C GLY A 92 -14.96 -8.87 -14.68
N SER A 93 -14.44 -9.32 -15.82
CA SER A 93 -13.05 -9.72 -15.96
C SER A 93 -12.26 -8.58 -16.59
N HIS A 94 -11.12 -8.24 -15.97
CA HIS A 94 -10.30 -7.14 -16.43
C HIS A 94 -8.84 -7.57 -16.51
N THR A 95 -8.06 -6.81 -17.28
CA THR A 95 -6.68 -7.16 -17.59
C THR A 95 -5.77 -5.96 -17.36
N VAL A 96 -4.63 -6.21 -16.73
CA VAL A 96 -3.55 -5.23 -16.64
C VAL A 96 -2.32 -5.81 -17.34
N GLN A 97 -1.59 -4.95 -18.03
CA GLN A 97 -0.37 -5.33 -18.74
C GLN A 97 0.72 -4.32 -18.45
N ARG A 98 1.88 -4.80 -18.03
CA ARG A 98 3.03 -3.97 -17.75
C ARG A 98 4.23 -4.50 -18.54
N MET A 99 5.02 -3.57 -19.08
CA MET A 99 6.21 -3.95 -19.83
C MET A 99 7.27 -2.87 -19.63
N TYR A 100 8.48 -3.30 -19.31
CA TYR A 100 9.61 -2.39 -19.17
C TYR A 100 10.86 -3.10 -19.64
N GLY A 101 11.96 -2.35 -19.71
CA GLY A 101 13.22 -2.93 -20.14
C GLY A 101 14.27 -1.85 -20.36
N CYS A 102 15.46 -2.33 -20.70
CA CYS A 102 16.62 -1.46 -20.90
C CYS A 102 17.39 -1.92 -22.13
N ASP A 103 17.88 -0.96 -22.90
CA ASP A 103 18.65 -1.23 -24.11
C ASP A 103 20.07 -0.73 -23.93
N VAL A 104 21.02 -1.44 -24.55
CA VAL A 104 22.40 -1.01 -24.61
C VAL A 104 22.78 -0.85 -26.07
N GLY A 105 23.79 -0.02 -26.31
CA GLY A 105 24.32 0.19 -27.64
C GLY A 105 25.47 -0.73 -27.96
N SER A 106 26.24 -0.35 -28.99
CA SER A 106 27.39 -1.15 -29.40
C SER A 106 28.46 -1.20 -28.32
N ASP A 107 28.53 -0.18 -27.47
CA ASP A 107 29.47 -0.15 -26.36
C ASP A 107 28.95 -0.90 -25.13
N TRP A 108 27.76 -1.47 -25.21
CA TRP A 108 27.07 -2.16 -24.11
C TRP A 108 26.72 -1.24 -22.95
N ARG A 109 26.92 0.06 -23.10
CA ARG A 109 26.46 1.00 -22.09
C ARG A 109 24.99 1.32 -22.31
N PHE A 110 24.34 1.80 -21.24
CA PHE A 110 22.90 2.05 -21.27
C PHE A 110 22.53 3.01 -22.39
N LEU A 111 21.51 2.63 -23.18
CA LEU A 111 21.07 3.42 -24.32
C LEU A 111 19.70 4.04 -24.08
N ARG A 112 18.65 3.23 -23.96
CA ARG A 112 17.29 3.71 -23.76
CA ARG A 112 17.32 3.75 -23.70
C ARG A 112 16.59 2.85 -22.73
N GLY A 113 15.61 3.44 -22.05
CA GLY A 113 14.77 2.70 -21.12
C GLY A 113 13.31 3.01 -21.39
N TYR A 114 12.45 2.11 -20.92
CA TYR A 114 11.01 2.27 -21.17
C TYR A 114 10.22 1.52 -20.11
N HIS A 115 8.96 1.92 -19.96
CA HIS A 115 8.03 1.28 -19.04
C HIS A 115 6.62 1.72 -19.40
N GLN A 116 5.79 0.75 -19.80
CA GLN A 116 4.41 1.04 -20.18
C GLN A 116 3.45 0.15 -19.40
N TYR A 117 2.29 0.71 -19.08
CA TYR A 117 1.27 0.04 -18.29
C TYR A 117 -0.08 0.24 -18.98
N ALA A 118 -0.83 -0.85 -19.14
CA ALA A 118 -2.12 -0.79 -19.80
C ALA A 118 -3.19 -1.44 -18.93
N TYR A 119 -4.44 -1.05 -19.19
CA TYR A 119 -5.60 -1.63 -18.53
C TYR A 119 -6.66 -1.92 -19.57
N ASP A 120 -7.08 -3.18 -19.66
CA ASP A 120 -8.08 -3.63 -20.64
C ASP A 120 -7.65 -3.29 -22.07
N GLY A 121 -6.36 -3.43 -22.35
CA GLY A 121 -5.82 -3.23 -23.68
C GLY A 121 -5.56 -1.80 -24.07
N LYS A 122 -6.04 -0.82 -23.31
CA LYS A 122 -5.83 0.58 -23.61
C LYS A 122 -4.67 1.13 -22.79
N ASP A 123 -4.00 2.13 -23.35
CA ASP A 123 -2.89 2.77 -22.65
C ASP A 123 -3.39 3.45 -21.38
N TYR A 124 -2.66 3.24 -20.28
CA TYR A 124 -3.00 3.84 -18.99
C TYR A 124 -1.91 4.84 -18.58
N ILE A 125 -0.72 4.37 -18.20
CA ILE A 125 0.37 5.25 -17.82
C ILE A 125 1.66 4.72 -18.42
N ALA A 126 2.57 5.64 -18.75
CA ALA A 126 3.81 5.27 -19.40
C ALA A 126 4.92 6.23 -18.97
N LEU A 127 6.14 5.71 -18.97
CA LEU A 127 7.30 6.50 -18.60
C LEU A 127 7.90 7.17 -19.84
N LYS A 128 8.25 8.44 -19.71
CA LYS A 128 8.83 9.18 -20.82
C LYS A 128 10.25 8.70 -21.10
N GLU A 129 10.77 9.09 -22.27
CA GLU A 129 12.10 8.66 -22.68
C GLU A 129 13.18 9.21 -21.77
N ASP A 130 12.92 10.31 -21.05
CA ASP A 130 13.90 10.87 -20.13
C ASP A 130 13.90 10.17 -18.78
N LEU A 131 13.02 9.19 -18.58
CA LEU A 131 12.99 8.39 -17.35
C LEU A 131 12.75 9.23 -16.11
N ARG A 132 12.06 10.36 -16.27
CA ARG A 132 11.84 11.31 -15.18
C ARG A 132 10.36 11.54 -14.88
N SER A 133 9.52 11.67 -15.91
CA SER A 133 8.12 11.99 -15.74
C SER A 133 7.25 10.89 -16.34
N TRP A 134 5.97 10.93 -15.98
CA TRP A 134 4.97 9.97 -16.45
C TRP A 134 3.99 10.67 -17.38
N THR A 135 3.36 9.87 -18.24
CA THR A 135 2.32 10.34 -19.16
C THR A 135 1.05 9.57 -18.88
N ALA A 136 0.04 10.27 -18.38
CA ALA A 136 -1.23 9.67 -18.00
C ALA A 136 -2.24 9.80 -19.14
N ALA A 137 -3.02 8.73 -19.36
CA ALA A 137 -3.98 8.74 -20.45
C ALA A 137 -5.27 9.44 -20.08
N ASP A 138 -5.71 9.29 -18.83
CA ASP A 138 -6.98 9.88 -18.37
C ASP A 138 -6.80 10.35 -16.93
N MET A 139 -7.91 10.72 -16.30
CA MET A 139 -7.86 11.29 -14.95
C MET A 139 -7.54 10.22 -13.91
N ALA A 140 -7.94 8.98 -14.16
CA ALA A 140 -7.56 7.89 -13.25
C ALA A 140 -6.04 7.69 -13.26
N ALA A 141 -5.45 7.62 -14.46
CA ALA A 141 -4.00 7.51 -14.54
C ALA A 141 -3.31 8.76 -14.01
N GLN A 142 -3.98 9.92 -14.08
CA GLN A 142 -3.43 11.12 -13.49
C GLN A 142 -3.30 10.99 -11.98
N THR A 143 -4.25 10.29 -11.34
CA THR A 143 -4.12 10.01 -9.91
C THR A 143 -2.94 9.10 -9.63
N THR A 144 -2.76 8.06 -10.46
CA THR A 144 -1.61 7.18 -10.29
C THR A 144 -0.30 7.94 -10.51
N LYS A 145 -0.27 8.83 -11.51
CA LYS A 145 0.90 9.65 -11.73
C LYS A 145 1.24 10.45 -10.48
N HIS A 146 0.24 11.13 -9.90
CA HIS A 146 0.44 11.85 -8.64
C HIS A 146 0.91 10.90 -7.55
N LYS A 147 0.28 9.74 -7.44
CA LYS A 147 0.65 8.76 -6.40
C LYS A 147 2.09 8.34 -6.57
N TRP A 148 2.49 7.97 -7.79
CA TRP A 148 3.87 7.53 -8.01
C TRP A 148 4.85 8.69 -7.87
N GLU A 149 4.46 9.89 -8.29
CA GLU A 149 5.34 11.05 -8.12
C GLU A 149 5.62 11.32 -6.64
N ALA A 150 4.67 10.99 -5.76
CA ALA A 150 4.85 11.24 -4.34
C ALA A 150 6.02 10.45 -3.77
N ALA A 151 6.12 9.17 -4.13
CA ALA A 151 7.21 8.32 -3.67
C ALA A 151 8.39 8.30 -4.61
N HIS A 152 8.36 9.12 -5.67
CA HIS A 152 9.46 9.22 -6.63
C HIS A 152 9.81 7.85 -7.21
N VAL A 153 8.79 7.18 -7.75
CA VAL A 153 8.99 5.85 -8.31
C VAL A 153 9.86 5.91 -9.56
N ALA A 154 9.74 6.99 -10.34
CA ALA A 154 10.53 7.11 -11.56
C ALA A 154 12.02 7.11 -11.27
N GLU A 155 12.43 7.76 -10.17
CA GLU A 155 13.85 7.76 -9.81
C GLU A 155 14.32 6.35 -9.47
N GLN A 156 13.52 5.59 -8.73
CA GLN A 156 13.89 4.22 -8.41
C GLN A 156 13.89 3.36 -9.66
N LEU A 157 12.93 3.58 -10.57
CA LEU A 157 12.90 2.84 -11.82
C LEU A 157 14.05 3.25 -12.74
N ARG A 158 14.40 4.54 -12.75
CA ARG A 158 15.52 4.99 -13.56
C ARG A 158 16.82 4.38 -13.06
N ALA A 159 16.97 4.25 -11.74
CA ALA A 159 18.17 3.63 -11.19
C ALA A 159 18.27 2.15 -11.57
N TYR A 160 17.13 1.47 -11.66
CA TYR A 160 17.16 0.05 -12.04
C TYR A 160 17.49 -0.11 -13.52
N LEU A 161 16.87 0.70 -14.38
CA LEU A 161 17.06 0.54 -15.82
C LEU A 161 18.50 0.85 -16.22
N GLU A 162 19.12 1.85 -15.59
CA GLU A 162 20.45 2.28 -15.98
C GLU A 162 21.57 1.47 -15.32
N GLY A 163 21.29 0.82 -14.19
CA GLY A 163 22.31 0.08 -13.49
C GLY A 163 22.10 -1.42 -13.50
N THR A 164 21.21 -1.90 -12.62
CA THR A 164 21.01 -3.33 -12.45
C THR A 164 20.55 -3.98 -13.76
N CYS A 165 19.58 -3.36 -14.44
CA CYS A 165 19.06 -3.92 -15.69
C CYS A 165 20.16 -4.06 -16.73
N VAL A 166 21.06 -3.07 -16.82
CA VAL A 166 22.13 -3.12 -17.81
C VAL A 166 23.21 -4.11 -17.40
N GLU A 167 23.56 -4.14 -16.11
CA GLU A 167 24.62 -5.05 -15.65
C GLU A 167 24.24 -6.51 -15.89
N TRP A 168 23.00 -6.88 -15.60
CA TRP A 168 22.56 -8.26 -15.83
C TRP A 168 22.27 -8.54 -17.30
N LEU A 169 21.97 -7.52 -18.09
CA LEU A 169 21.87 -7.73 -19.54
C LEU A 169 23.22 -8.16 -20.11
N ARG A 170 24.29 -7.48 -19.70
CA ARG A 170 25.63 -7.88 -20.14
C ARG A 170 25.97 -9.28 -19.63
N ARG A 171 25.57 -9.59 -18.38
CA ARG A 171 25.87 -10.89 -17.82
C ARG A 171 25.19 -12.01 -18.59
N TYR A 172 23.93 -11.79 -18.98
CA TYR A 172 23.23 -12.79 -19.79
C TYR A 172 23.87 -12.93 -21.16
N LEU A 173 24.34 -11.82 -21.74
CA LEU A 173 24.96 -11.87 -23.06
C LEU A 173 26.26 -12.67 -23.05
N GLU A 174 27.01 -12.61 -21.94
CA GLU A 174 28.24 -13.40 -21.85
C GLU A 174 27.92 -14.88 -21.67
N ASN A 175 27.01 -15.22 -20.76
CA ASN A 175 26.69 -16.62 -20.51
C ASN A 175 26.00 -17.26 -21.71
N GLY A 176 25.26 -16.49 -22.49
CA GLY A 176 24.62 -17.02 -23.67
C GLY A 176 25.26 -16.53 -24.95
N LYS A 177 26.57 -16.28 -24.91
CA LYS A 177 27.27 -15.73 -26.07
C LYS A 177 27.17 -16.63 -27.29
N GLU A 178 27.16 -17.95 -27.08
CA GLU A 178 27.13 -18.89 -28.19
C GLU A 178 25.78 -18.93 -28.90
N THR A 179 24.75 -18.34 -28.31
CA THR A 179 23.42 -18.28 -28.91
C THR A 179 22.91 -16.84 -29.05
N LEU A 180 23.13 -15.99 -28.05
CA LEU A 180 22.64 -14.62 -28.12
C LEU A 180 23.50 -13.76 -29.04
N GLN A 181 24.81 -13.76 -28.84
CA GLN A 181 25.71 -12.93 -29.63
C GLN A 181 26.00 -13.51 -31.00
N ARG A 182 25.52 -14.71 -31.31
CA ARG A 182 25.73 -15.33 -32.60
C ARG A 182 24.49 -15.11 -33.47
N THR A 183 24.70 -14.64 -34.69
CA THR A 183 23.61 -14.38 -35.61
C THR A 183 23.36 -15.60 -36.49
N ASP A 184 22.12 -15.71 -36.99
CA ASP A 184 21.72 -16.79 -37.87
C ASP A 184 21.17 -16.18 -39.15
N ALA A 185 21.82 -16.47 -40.27
CA ALA A 185 21.45 -15.88 -41.55
C ALA A 185 20.21 -16.56 -42.12
N PRO A 186 19.37 -15.83 -42.85
CA PRO A 186 18.17 -16.45 -43.43
C PRO A 186 18.50 -17.35 -44.61
N LYS A 187 17.91 -18.54 -44.63
CA LYS A 187 18.04 -19.47 -45.74
C LYS A 187 16.89 -19.19 -46.71
N THR A 188 17.21 -18.57 -47.84
CA THR A 188 16.21 -18.04 -48.75
C THR A 188 16.01 -18.96 -49.96
N HIS A 189 14.76 -19.06 -50.41
CA HIS A 189 14.43 -19.67 -51.69
C HIS A 189 13.25 -18.91 -52.28
N MET A 190 12.74 -19.39 -53.42
CA MET A 190 11.71 -18.69 -54.15
C MET A 190 10.72 -19.68 -54.74
N THR A 191 9.44 -19.30 -54.75
CA THR A 191 8.38 -20.07 -55.36
C THR A 191 7.64 -19.23 -56.40
N HIS A 192 6.98 -19.90 -57.33
CA HIS A 192 6.27 -19.24 -58.42
C HIS A 192 4.92 -19.91 -58.62
N HIS A 193 3.86 -19.10 -58.66
CA HIS A 193 2.50 -19.61 -58.82
C HIS A 193 1.70 -18.64 -59.67
N ALA A 194 0.88 -19.19 -60.56
CA ALA A 194 -0.04 -18.38 -61.35
C ALA A 194 -1.29 -18.05 -60.55
N VAL A 195 -1.90 -16.92 -60.87
CA VAL A 195 -3.05 -16.44 -60.09
C VAL A 195 -4.20 -16.02 -60.99
N SER A 196 -3.90 -15.45 -62.15
CA SER A 196 -4.94 -14.92 -63.03
C SER A 196 -4.64 -15.35 -64.46
N ASP A 197 -5.24 -14.63 -65.41
CA ASP A 197 -5.06 -14.97 -66.83
C ASP A 197 -3.64 -14.71 -67.29
N HIS A 198 -3.08 -13.55 -66.93
CA HIS A 198 -1.75 -13.16 -67.38
C HIS A 198 -0.75 -12.93 -66.26
N GLU A 199 -1.21 -12.74 -65.02
CA GLU A 199 -0.34 -12.42 -63.90
C GLU A 199 0.02 -13.68 -63.11
N ALA A 200 1.07 -13.56 -62.30
CA ALA A 200 1.51 -14.62 -61.42
C ALA A 200 2.07 -13.99 -60.16
N THR A 201 2.33 -14.82 -59.15
CA THR A 201 2.85 -14.36 -57.87
C THR A 201 4.18 -15.05 -57.58
N LEU A 202 5.18 -14.25 -57.24
CA LEU A 202 6.51 -14.75 -56.90
C LEU A 202 6.77 -14.44 -55.42
N ARG A 203 7.00 -15.49 -54.63
CA ARG A 203 7.18 -15.36 -53.19
C ARG A 203 8.65 -15.47 -52.84
N CYS A 204 9.13 -14.50 -52.05
CA CYS A 204 10.52 -14.47 -51.59
C CYS A 204 10.54 -14.97 -50.15
N TRP A 205 10.99 -16.21 -49.96
CA TRP A 205 11.00 -16.82 -48.64
C TRP A 205 12.24 -16.41 -47.85
N ALA A 206 12.06 -16.36 -46.53
CA ALA A 206 13.17 -16.11 -45.60
C ALA A 206 12.92 -16.98 -44.37
N LEU A 207 13.71 -18.05 -44.24
CA LEU A 207 13.47 -19.06 -43.21
C LEU A 207 14.68 -19.19 -42.30
N SER A 208 14.39 -19.49 -41.02
CA SER A 208 15.40 -19.76 -40.01
C SER A 208 16.46 -18.66 -39.93
N PHE A 209 16.13 -17.55 -39.25
CA PHE A 209 17.07 -16.47 -39.06
C PHE A 209 16.88 -15.87 -37.68
N TYR A 210 17.98 -15.39 -37.09
CA TYR A 210 17.97 -14.73 -35.80
C TYR A 210 18.95 -13.56 -35.89
N PRO A 211 18.58 -12.38 -35.39
CA PRO A 211 17.31 -12.02 -34.73
C PRO A 211 16.14 -11.90 -35.72
N ALA A 212 14.96 -11.53 -35.22
CA ALA A 212 13.78 -11.48 -36.06
C ALA A 212 13.72 -10.24 -36.95
N GLU A 213 14.56 -9.24 -36.69
CA GLU A 213 14.54 -8.02 -37.48
C GLU A 213 15.01 -8.31 -38.91
N ILE A 214 14.14 -8.05 -39.89
CA ILE A 214 14.44 -8.33 -41.28
C ILE A 214 13.48 -7.51 -42.13
N THR A 215 13.94 -7.12 -43.32
CA THR A 215 13.13 -6.38 -44.27
C THR A 215 13.10 -7.12 -45.60
N LEU A 216 11.91 -7.20 -46.19
CA LEU A 216 11.68 -7.93 -47.44
C LEU A 216 10.68 -7.14 -48.28
N THR A 217 11.17 -6.46 -49.32
CA THR A 217 10.32 -5.67 -50.18
C THR A 217 10.75 -5.84 -51.64
N TRP A 218 9.96 -5.27 -52.54
CA TRP A 218 10.23 -5.30 -53.98
C TRP A 218 10.20 -3.87 -54.49
N GLN A 219 11.37 -3.27 -54.68
CA GLN A 219 11.48 -1.89 -55.13
C GLN A 219 12.51 -1.80 -56.25
N ARG A 220 12.53 -0.65 -56.91
CA ARG A 220 13.46 -0.40 -58.00
C ARG A 220 14.72 0.30 -57.50
N THR A 229 3.38 -4.94 -52.22
CA THR A 229 4.02 -6.20 -51.89
C THR A 229 3.40 -6.84 -50.65
N GLU A 230 2.71 -7.96 -50.84
CA GLU A 230 2.02 -8.64 -49.76
C GLU A 230 3.04 -9.39 -48.90
N LEU A 231 3.25 -8.93 -47.67
CA LEU A 231 4.14 -9.59 -46.74
C LEU A 231 3.40 -9.82 -45.42
N VAL A 232 3.84 -10.83 -44.68
CA VAL A 232 3.16 -11.22 -43.44
C VAL A 232 4.05 -10.98 -42.24
N GLU A 233 3.50 -11.22 -41.05
CA GLU A 233 4.25 -10.98 -39.81
C GLU A 233 5.41 -11.96 -39.69
N THR A 234 6.50 -11.49 -39.08
CA THR A 234 7.63 -12.35 -38.75
C THR A 234 7.18 -13.36 -37.71
N ARG A 235 7.10 -14.63 -38.12
CA ARG A 235 6.55 -15.67 -37.28
C ARG A 235 7.65 -16.57 -36.74
N PRO A 236 7.49 -17.12 -35.53
CA PRO A 236 8.49 -18.03 -34.99
C PRO A 236 8.34 -19.43 -35.56
N ALA A 237 9.48 -20.11 -35.70
CA ALA A 237 9.48 -21.48 -36.19
C ALA A 237 9.38 -22.51 -35.07
N GLY A 238 9.63 -22.11 -33.82
CA GLY A 238 9.60 -23.00 -32.69
C GLY A 238 10.96 -23.42 -32.19
N ASP A 239 11.99 -23.36 -33.04
CA ASP A 239 13.34 -23.75 -32.67
C ASP A 239 14.20 -22.56 -32.24
N GLY A 240 13.58 -21.42 -31.96
CA GLY A 240 14.31 -20.21 -31.63
C GLY A 240 14.57 -19.29 -32.79
N THR A 241 14.40 -19.76 -34.02
CA THR A 241 14.57 -18.94 -35.21
C THR A 241 13.23 -18.42 -35.68
N PHE A 242 13.25 -17.60 -36.73
CA PHE A 242 12.06 -16.91 -37.22
C PHE A 242 11.94 -17.12 -38.72
N GLN A 243 10.75 -16.79 -39.24
CA GLN A 243 10.42 -16.93 -40.65
C GLN A 243 9.69 -15.68 -41.13
N LYS A 244 9.71 -15.49 -42.44
CA LYS A 244 9.02 -14.38 -43.09
C LYS A 244 9.07 -14.60 -44.59
N TRP A 245 8.03 -14.14 -45.29
CA TRP A 245 8.00 -14.18 -46.74
C TRP A 245 7.33 -12.93 -47.27
N ALA A 246 7.78 -12.50 -48.45
CA ALA A 246 7.22 -11.36 -49.15
C ALA A 246 6.96 -11.74 -50.59
N ALA A 247 5.78 -11.39 -51.10
CA ALA A 247 5.37 -11.73 -52.45
C ALA A 247 4.85 -10.49 -53.17
N VAL A 248 4.64 -10.64 -54.47
CA VAL A 248 4.11 -9.57 -55.31
C VAL A 248 3.56 -10.21 -56.57
N VAL A 249 2.43 -9.68 -57.04
CA VAL A 249 1.82 -10.19 -58.26
C VAL A 249 2.49 -9.52 -59.46
N VAL A 250 3.07 -10.33 -60.34
CA VAL A 250 3.79 -9.83 -61.50
C VAL A 250 3.22 -10.47 -62.76
N PRO A 251 3.22 -9.78 -63.91
CA PRO A 251 2.76 -10.36 -65.17
C PRO A 251 3.81 -11.25 -65.83
N GLN A 256 12.68 -8.26 -64.13
CA GLN A 256 12.14 -7.65 -62.93
C GLN A 256 12.82 -6.33 -62.59
N ARG A 257 12.13 -5.22 -62.88
CA ARG A 257 12.66 -3.92 -62.50
C ARG A 257 12.55 -3.70 -60.99
N TYR A 258 11.61 -4.39 -60.35
CA TYR A 258 11.46 -4.35 -58.89
C TYR A 258 11.85 -5.74 -58.38
N THR A 259 12.94 -5.81 -57.62
CA THR A 259 13.51 -7.07 -57.20
C THR A 259 13.40 -7.26 -55.69
N CYS A 260 13.55 -8.51 -55.26
CA CYS A 260 13.52 -8.87 -53.85
C CYS A 260 14.92 -8.76 -53.27
N HIS A 261 15.09 -7.87 -52.29
CA HIS A 261 16.38 -7.67 -51.62
C HIS A 261 16.23 -8.09 -50.17
N VAL A 262 16.88 -9.18 -49.80
CA VAL A 262 16.87 -9.67 -48.42
C VAL A 262 17.99 -8.95 -47.66
N GLN A 263 17.63 -8.32 -46.54
CA GLN A 263 18.58 -7.61 -45.71
C GLN A 263 18.43 -8.11 -44.27
N HIS A 264 19.54 -8.60 -43.71
CA HIS A 264 19.54 -9.15 -42.36
C HIS A 264 20.92 -8.97 -41.76
N GLU A 265 20.96 -8.74 -40.45
CA GLU A 265 22.23 -8.53 -39.75
C GLU A 265 23.19 -9.70 -39.97
N GLY A 266 22.67 -10.92 -40.06
CA GLY A 266 23.51 -12.09 -40.29
C GLY A 266 24.11 -12.18 -41.67
N LEU A 267 23.70 -11.32 -42.59
CA LEU A 267 24.25 -11.33 -43.95
C LEU A 267 25.30 -10.25 -44.08
N PRO A 268 26.53 -10.56 -44.50
CA PRO A 268 27.53 -9.51 -44.72
C PRO A 268 27.12 -8.52 -45.80
N LYS A 269 26.42 -8.96 -46.83
CA LYS A 269 25.91 -8.11 -47.89
C LYS A 269 24.49 -8.54 -48.22
N PRO A 270 23.62 -7.60 -48.59
CA PRO A 270 22.24 -7.97 -48.92
C PRO A 270 22.18 -8.91 -50.12
N LEU A 271 21.26 -9.87 -50.05
CA LEU A 271 21.08 -10.85 -51.11
C LEU A 271 19.94 -10.43 -52.04
N THR A 272 20.05 -10.84 -53.30
CA THR A 272 19.02 -10.52 -54.29
C THR A 272 18.87 -11.66 -55.29
N GLU B 1 18.07 21.27 10.40
CA GLU B 1 17.02 20.39 10.91
C GLU B 1 15.71 20.60 10.17
N VAL B 2 15.04 19.50 9.85
CA VAL B 2 13.73 19.57 9.21
C VAL B 2 12.68 19.89 10.28
N GLN B 3 11.99 21.01 10.11
CA GLN B 3 11.03 21.49 11.09
C GLN B 3 9.71 21.79 10.41
N LEU B 4 8.63 21.30 11.00
CA LEU B 4 7.26 21.55 10.53
C LEU B 4 6.52 22.29 11.63
N GLN B 5 6.39 23.60 11.49
CA GLN B 5 5.73 24.45 12.48
C GLN B 5 4.29 24.67 12.06
N GLN B 6 3.35 24.07 12.80
CA GLN B 6 1.93 24.23 12.52
C GLN B 6 1.36 25.41 13.29
N SER B 7 0.13 25.76 12.97
CA SER B 7 -0.53 26.89 13.61
C SER B 7 -1.17 26.46 14.93
N GLY B 8 -1.51 27.45 15.75
CA GLY B 8 -2.02 27.21 17.08
C GLY B 8 -3.42 26.62 17.10
N PRO B 9 -3.88 26.22 18.28
CA PRO B 9 -5.20 25.61 18.40
C PRO B 9 -6.31 26.60 18.08
N GLU B 10 -7.47 26.04 17.70
CA GLU B 10 -8.62 26.83 17.31
C GLU B 10 -9.89 26.23 17.91
N LEU B 11 -10.77 27.10 18.40
CA LEU B 11 -12.10 26.71 18.84
C LEU B 11 -13.11 27.36 17.89
N VAL B 12 -14.01 26.56 17.33
CA VAL B 12 -14.91 27.03 16.28
C VAL B 12 -16.30 26.45 16.52
N LYS B 13 -17.32 27.26 16.30
CA LYS B 13 -18.69 26.79 16.36
C LYS B 13 -18.99 25.88 15.19
N PRO B 14 -20.00 25.00 15.31
CA PRO B 14 -20.32 24.09 14.21
C PRO B 14 -20.76 24.83 12.95
N GLY B 15 -20.38 24.28 11.80
CA GLY B 15 -20.83 24.80 10.52
C GLY B 15 -19.92 25.84 9.88
N ALA B 16 -18.84 26.23 10.54
CA ALA B 16 -17.91 27.19 9.99
C ALA B 16 -16.76 26.47 9.30
N SER B 17 -15.65 27.17 9.07
CA SER B 17 -14.48 26.60 8.45
C SER B 17 -13.23 27.18 9.09
N VAL B 18 -12.13 26.45 8.98
CA VAL B 18 -10.85 26.87 9.52
C VAL B 18 -9.75 26.39 8.59
N LYS B 19 -8.63 27.12 8.57
CA LYS B 19 -7.48 26.77 7.75
C LYS B 19 -6.25 26.68 8.64
N ILE B 20 -5.59 25.52 8.61
CA ILE B 20 -4.42 25.26 9.44
C ILE B 20 -3.16 25.50 8.63
N SER B 21 -2.20 26.19 9.23
CA SER B 21 -0.92 26.48 8.59
C SER B 21 0.12 25.43 8.97
N CYS B 22 1.08 25.22 8.08
CA CYS B 22 2.17 24.27 8.33
C CYS B 22 3.41 24.79 7.61
N LYS B 23 4.30 25.44 8.36
CA LYS B 23 5.51 26.02 7.82
C LYS B 23 6.63 24.98 7.84
N ALA B 24 7.27 24.78 6.69
CA ALA B 24 8.36 23.82 6.54
C ALA B 24 9.68 24.55 6.43
N SER B 25 10.73 23.93 6.98
CA SER B 25 12.07 24.50 6.92
C SER B 25 13.09 23.37 7.04
N GLY B 26 14.32 23.68 6.66
CA GLY B 26 15.41 22.74 6.79
C GLY B 26 15.56 21.75 5.65
N TYR B 27 14.86 21.96 4.54
CA TYR B 27 14.98 21.07 3.39
C TYR B 27 14.41 21.77 2.16
N THR B 28 14.58 21.14 1.01
CA THR B 28 14.05 21.66 -0.25
C THR B 28 12.56 21.37 -0.30
N PHE B 29 11.74 22.41 -0.16
CA PHE B 29 10.30 22.23 0.02
C PHE B 29 9.63 21.58 -1.17
N THR B 30 10.21 21.68 -2.36
CA THR B 30 9.62 21.10 -3.56
C THR B 30 10.01 19.66 -3.80
N ASP B 31 10.91 19.09 -2.99
CA ASP B 31 11.33 17.71 -3.19
C ASP B 31 10.48 16.71 -2.43
N HIS B 32 9.51 17.15 -1.63
CA HIS B 32 8.77 16.23 -0.77
C HIS B 32 7.29 16.58 -0.77
N PHE B 33 6.46 15.56 -0.96
CA PHE B 33 5.02 15.72 -0.78
C PHE B 33 4.69 15.91 0.69
N MET B 34 3.63 16.66 0.95
CA MET B 34 3.15 16.93 2.30
C MET B 34 1.80 16.26 2.50
N ASN B 35 1.67 15.52 3.60
CA ASN B 35 0.42 14.84 3.95
C ASN B 35 -0.21 15.53 5.15
N TRP B 36 -1.50 15.23 5.36
CA TRP B 36 -2.24 15.70 6.52
C TRP B 36 -2.92 14.52 7.19
N VAL B 37 -2.69 14.36 8.48
CA VAL B 37 -3.23 13.26 9.27
C VAL B 37 -4.12 13.82 10.36
N ARG B 38 -5.26 13.18 10.57
CA ARG B 38 -6.17 13.52 11.65
C ARG B 38 -6.15 12.42 12.71
N GLN B 39 -6.20 12.84 13.98
CA GLN B 39 -6.18 11.90 15.11
C GLN B 39 -7.25 12.35 16.10
N SER B 40 -8.37 11.64 16.11
CA SER B 40 -9.41 11.91 17.10
C SER B 40 -8.92 11.53 18.49
N HIS B 41 -9.55 12.13 19.50
CA HIS B 41 -9.14 11.90 20.88
C HIS B 41 -9.31 10.44 21.25
N GLY B 42 -8.23 9.82 21.72
CA GLY B 42 -8.26 8.42 22.07
C GLY B 42 -8.36 7.46 20.89
N LYS B 43 -8.21 7.94 19.66
CA LYS B 43 -8.34 7.12 18.46
C LYS B 43 -7.00 7.08 17.73
N SER B 44 -7.00 6.39 16.60
CA SER B 44 -5.78 6.17 15.83
C SER B 44 -5.60 7.27 14.78
N LEU B 45 -4.56 7.13 13.97
CA LEU B 45 -4.23 8.10 12.94
C LEU B 45 -5.00 7.81 11.65
N GLU B 46 -5.30 8.87 10.90
CA GLU B 46 -6.11 8.75 9.69
C GLU B 46 -5.57 9.73 8.65
N TRP B 47 -5.19 9.20 7.50
CA TRP B 47 -4.65 10.02 6.42
C TRP B 47 -5.78 10.77 5.71
N ILE B 48 -5.59 12.09 5.57
CA ILE B 48 -6.59 12.92 4.90
C ILE B 48 -6.26 13.08 3.42
N GLY B 49 -5.05 13.53 3.11
CA GLY B 49 -4.66 13.78 1.74
C GLY B 49 -3.24 14.27 1.67
N ASP B 50 -2.75 14.40 0.44
CA ASP B 50 -1.40 14.88 0.19
C ASP B 50 -1.42 15.99 -0.85
N ILE B 51 -0.38 16.82 -0.81
CA ILE B 51 -0.25 17.97 -1.71
C ILE B 51 1.11 17.89 -2.38
N ASN B 52 1.13 18.11 -3.70
CA ASN B 52 2.37 18.26 -4.44
C ASN B 52 2.72 19.74 -4.47
N PRO B 53 3.76 20.19 -3.76
CA PRO B 53 4.04 21.63 -3.69
C PRO B 53 4.40 22.26 -5.02
N ASN B 54 4.95 21.49 -5.96
CA ASN B 54 5.42 22.06 -7.23
C ASN B 54 4.27 22.65 -8.04
N ASN B 55 3.15 21.93 -8.12
CA ASN B 55 2.05 22.33 -8.99
C ASN B 55 0.70 22.41 -8.28
N GLY B 56 0.64 22.12 -6.99
CA GLY B 56 -0.63 22.14 -6.28
C GLY B 56 -1.49 20.90 -6.44
N GLY B 57 -0.99 19.87 -7.11
CA GLY B 57 -1.77 18.66 -7.30
C GLY B 57 -2.03 17.96 -5.98
N THR B 58 -3.26 17.43 -5.84
CA THR B 58 -3.72 16.86 -4.58
C THR B 58 -4.38 15.52 -4.82
N SER B 59 -4.22 14.62 -3.85
CA SER B 59 -5.04 13.43 -3.73
C SER B 59 -5.63 13.39 -2.32
N TYR B 60 -6.88 12.97 -2.20
CA TYR B 60 -7.59 13.00 -0.93
C TYR B 60 -8.06 11.60 -0.56
N ASN B 61 -8.14 11.36 0.75
CA ASN B 61 -8.92 10.23 1.25
C ASN B 61 -10.37 10.42 0.84
N GLN B 62 -11.00 9.33 0.37
CA GLN B 62 -12.35 9.43 -0.17
C GLN B 62 -13.34 9.98 0.85
N LYS B 63 -13.14 9.67 2.13
CA LYS B 63 -14.04 10.15 3.17
C LYS B 63 -13.93 11.66 3.33
N PHE B 64 -12.71 12.20 3.25
CA PHE B 64 -12.46 13.61 3.44
C PHE B 64 -12.65 14.45 2.18
N LYS B 65 -12.91 13.81 1.03
CA LYS B 65 -13.12 14.55 -0.21
C LYS B 65 -14.43 15.32 -0.11
N GLY B 66 -14.33 16.65 -0.11
CA GLY B 66 -15.45 17.52 0.15
C GLY B 66 -15.44 18.15 1.53
N LYS B 67 -14.63 17.61 2.44
CA LYS B 67 -14.45 18.16 3.78
C LYS B 67 -13.17 18.97 3.90
N ALA B 68 -12.05 18.42 3.42
CA ALA B 68 -10.76 19.08 3.50
C ALA B 68 -10.26 19.45 2.11
N THR B 69 -9.62 20.60 2.00
CA THR B 69 -9.02 21.07 0.76
C THR B 69 -7.56 21.43 1.04
N LEU B 70 -6.66 21.01 0.17
CA LEU B 70 -5.23 21.22 0.34
C LEU B 70 -4.72 22.26 -0.65
N THR B 71 -3.98 23.24 -0.14
CA THR B 71 -3.28 24.22 -0.96
C THR B 71 -1.85 24.34 -0.43
N VAL B 72 -1.01 25.03 -1.20
CA VAL B 72 0.40 25.19 -0.84
C VAL B 72 0.90 26.51 -1.40
N ASP B 73 1.85 27.11 -0.70
CA ASP B 73 2.47 28.38 -1.10
C ASP B 73 3.99 28.17 -1.13
N LYS B 74 4.54 28.02 -2.33
CA LYS B 74 5.97 27.78 -2.46
C LYS B 74 6.80 28.97 -2.01
N SER B 75 6.25 30.19 -2.12
CA SER B 75 7.00 31.38 -1.72
C SER B 75 7.34 31.34 -0.23
N SER B 76 6.34 31.06 0.60
CA SER B 76 6.54 31.00 2.05
C SER B 76 6.73 29.57 2.55
N SER B 77 6.86 28.60 1.65
CA SER B 77 7.11 27.20 1.99
C SER B 77 6.14 26.70 3.07
N THR B 78 4.86 26.97 2.84
CA THR B 78 3.82 26.62 3.80
C THR B 78 2.73 25.80 3.09
N ALA B 79 2.20 24.82 3.81
CA ALA B 79 1.07 24.03 3.35
C ALA B 79 -0.16 24.37 4.19
N PHE B 80 -1.32 24.42 3.53
CA PHE B 80 -2.57 24.76 4.19
C PHE B 80 -3.60 23.67 3.98
N MET B 81 -4.55 23.59 4.90
CA MET B 81 -5.69 22.68 4.78
C MET B 81 -6.93 23.39 5.29
N GLU B 82 -7.96 23.47 4.46
CA GLU B 82 -9.23 24.11 4.81
C GLU B 82 -10.25 23.03 5.11
N VAL B 83 -10.90 23.12 6.28
CA VAL B 83 -11.90 22.16 6.72
C VAL B 83 -13.21 22.93 6.87
N ARG B 84 -14.14 22.72 5.94
CA ARG B 84 -15.41 23.42 5.93
C ARG B 84 -16.51 22.60 6.58
N SER B 85 -17.62 23.27 6.89
CA SER B 85 -18.83 22.65 7.45
C SER B 85 -18.50 21.82 8.69
N LEU B 86 -17.88 22.49 9.66
CA LEU B 86 -17.35 21.78 10.82
C LEU B 86 -18.46 21.25 11.72
N THR B 87 -18.26 20.03 12.23
CA THR B 87 -19.15 19.41 13.19
C THR B 87 -18.34 18.95 14.39
N SER B 88 -19.05 18.48 15.42
CA SER B 88 -18.36 17.97 16.61
C SER B 88 -17.47 16.77 16.29
N ASP B 89 -17.77 16.04 15.22
CA ASP B 89 -16.95 14.91 14.82
C ASP B 89 -15.65 15.32 14.13
N ASP B 90 -15.48 16.60 13.85
CA ASP B 90 -14.22 17.12 13.33
C ASP B 90 -13.26 17.52 14.44
N SER B 91 -13.68 17.42 15.70
CA SER B 91 -12.83 17.79 16.83
C SER B 91 -11.74 16.75 16.99
N ALA B 92 -10.52 17.10 16.59
CA ALA B 92 -9.40 16.18 16.65
C ALA B 92 -8.10 16.97 16.59
N VAL B 93 -6.99 16.26 16.64
CA VAL B 93 -5.67 16.83 16.47
C VAL B 93 -5.22 16.57 15.04
N TYR B 94 -4.80 17.61 14.34
CA TYR B 94 -4.40 17.53 12.94
C TYR B 94 -2.90 17.74 12.83
N TYR B 95 -2.24 16.88 12.05
CA TYR B 95 -0.81 16.96 11.79
C TYR B 95 -0.56 17.13 10.30
N CYS B 96 0.53 17.83 9.98
CA CYS B 96 1.10 17.78 8.64
C CYS B 96 2.32 16.88 8.68
N ALA B 97 2.32 15.83 7.85
CA ALA B 97 3.40 14.86 7.80
C ALA B 97 4.06 14.93 6.44
N ARG B 98 5.36 15.20 6.42
CA ARG B 98 6.09 15.19 5.16
C ARG B 98 6.26 13.77 4.66
N ARG B 99 5.95 13.56 3.38
CA ARG B 99 6.20 12.26 2.76
C ARG B 99 7.70 12.10 2.53
N GLY B 100 8.23 10.95 2.92
CA GLY B 100 9.62 10.65 2.59
C GLY B 100 9.86 10.68 1.10
N TYR B 101 11.12 10.87 0.72
CA TYR B 101 11.46 10.99 -0.69
C TYR B 101 11.02 9.78 -1.48
N TYR B 102 11.10 8.59 -0.88
CA TYR B 102 10.68 7.36 -1.53
C TYR B 102 9.46 6.72 -0.86
N GLY B 103 8.96 7.30 0.22
CA GLY B 103 7.80 6.77 0.89
C GLY B 103 7.84 7.10 2.37
N SER B 104 6.79 6.67 3.06
CA SER B 104 6.65 6.85 4.50
C SER B 104 6.45 8.31 4.89
N PHE B 105 6.16 8.56 6.17
CA PHE B 105 6.03 9.90 6.71
C PHE B 105 7.20 10.10 7.67
N ASP B 106 8.25 10.78 7.20
CA ASP B 106 9.46 10.87 8.01
C ASP B 106 9.34 11.93 9.11
N TYR B 107 8.85 13.12 8.76
CA TYR B 107 8.77 14.22 9.71
C TYR B 107 7.33 14.65 9.92
N TRP B 108 6.97 14.90 11.18
CA TRP B 108 5.63 15.30 11.58
C TRP B 108 5.69 16.65 12.28
N GLY B 109 4.64 17.45 12.09
CA GLY B 109 4.50 18.68 12.83
C GLY B 109 4.06 18.45 14.26
N GLN B 110 4.09 19.53 15.05
CA GLN B 110 3.72 19.41 16.46
C GLN B 110 2.22 19.19 16.66
N GLY B 111 1.42 19.29 15.61
CA GLY B 111 -0.01 19.07 15.73
C GLY B 111 -0.76 20.33 16.11
N THR B 112 -2.01 20.39 15.67
CA THR B 112 -2.91 21.50 15.98
C THR B 112 -4.23 20.94 16.45
N THR B 113 -4.60 21.24 17.68
CA THR B 113 -5.85 20.74 18.25
C THR B 113 -7.00 21.62 17.77
N LEU B 114 -7.97 21.00 17.11
CA LEU B 114 -9.17 21.68 16.65
C LEU B 114 -10.35 21.21 17.50
N THR B 115 -11.01 22.14 18.16
CA THR B 115 -12.17 21.84 18.99
C THR B 115 -13.40 22.51 18.39
N VAL B 116 -14.45 21.73 18.18
CA VAL B 116 -15.69 22.21 17.59
C VAL B 116 -16.80 22.03 18.63
N SER B 117 -17.37 23.14 19.08
CA SER B 117 -18.39 23.10 20.12
C SER B 117 -19.24 24.36 20.02
N SER B 118 -20.51 24.21 20.41
CA SER B 118 -21.42 25.36 20.46
C SER B 118 -21.17 26.26 21.67
N ALA B 119 -20.62 25.71 22.75
CA ALA B 119 -20.32 26.51 23.93
C ALA B 119 -19.17 27.48 23.64
N SER B 120 -19.31 28.71 24.14
CA SER B 120 -18.28 29.72 23.93
C SER B 120 -17.16 29.59 24.97
N THR B 121 -17.47 29.90 26.23
CA THR B 121 -16.49 29.81 27.31
C THR B 121 -17.24 29.79 28.64
N LYS B 122 -16.84 28.89 29.53
CA LYS B 122 -17.48 28.79 30.84
C LYS B 122 -16.44 28.88 31.96
N GLY B 123 -16.88 28.69 33.20
CA GLY B 123 -16.01 28.75 34.34
C GLY B 123 -16.27 27.62 35.33
N PRO B 124 -15.22 27.19 36.03
CA PRO B 124 -15.36 26.04 36.93
C PRO B 124 -16.07 26.40 38.22
N SER B 125 -16.50 25.35 38.92
CA SER B 125 -17.16 25.46 40.23
C SER B 125 -16.45 24.47 41.16
N VAL B 126 -15.32 24.90 41.72
CA VAL B 126 -14.48 24.04 42.55
C VAL B 126 -15.26 23.58 43.77
N PHE B 127 -15.54 22.27 43.86
CA PHE B 127 -16.25 21.67 44.97
C PHE B 127 -15.30 20.77 45.75
N PRO B 128 -14.68 21.27 46.82
CA PRO B 128 -13.75 20.43 47.59
C PRO B 128 -14.46 19.26 48.26
N LEU B 129 -13.76 18.14 48.35
CA LEU B 129 -14.32 16.93 48.93
C LEU B 129 -14.06 16.84 50.43
N GLY B 139 -2.49 3.98 57.11
CA GLY B 139 -2.73 5.02 58.09
C GLY B 139 -2.87 6.39 57.48
N THR B 140 -3.11 6.43 56.18
CA THR B 140 -3.25 7.68 55.44
C THR B 140 -4.73 7.98 55.18
N ALA B 141 -4.98 9.15 54.60
CA ALA B 141 -6.33 9.57 54.25
C ALA B 141 -6.28 10.28 52.90
N ALA B 142 -7.45 10.49 52.31
CA ALA B 142 -7.58 11.11 51.00
C ALA B 142 -8.25 12.46 51.13
N LEU B 143 -7.66 13.48 50.51
CA LEU B 143 -8.26 14.81 50.47
C LEU B 143 -9.20 14.91 49.28
N GLY B 144 -9.33 16.10 48.70
CA GLY B 144 -10.20 16.27 47.55
C GLY B 144 -10.49 17.71 47.18
N CYS B 145 -10.17 18.08 45.93
CA CYS B 145 -10.44 19.41 45.40
C CYS B 145 -11.12 19.23 44.04
N LEU B 146 -12.33 18.67 44.06
CA LEU B 146 -13.02 18.33 42.83
C LEU B 146 -13.51 19.58 42.11
N VAL B 147 -13.17 19.69 40.83
CA VAL B 147 -13.58 20.80 39.97
C VAL B 147 -14.79 20.36 39.17
N LYS B 148 -15.78 21.25 39.05
CA LYS B 148 -17.01 20.92 38.35
C LYS B 148 -16.97 21.37 36.89
N ASP B 149 -18.11 21.84 36.38
CA ASP B 149 -18.25 22.14 34.95
C ASP B 149 -17.42 23.35 34.57
N TYR B 150 -16.68 23.23 33.46
CA TYR B 150 -15.88 24.34 32.94
C TYR B 150 -15.66 24.12 31.45
N PHE B 151 -15.27 25.20 30.76
CA PHE B 151 -15.05 25.13 29.33
C PHE B 151 -14.29 26.36 28.88
N PRO B 152 -13.30 26.22 27.99
CA PRO B 152 -12.75 24.99 27.46
C PRO B 152 -11.52 24.52 28.24
N GLU B 153 -10.85 23.49 27.76
CA GLU B 153 -9.64 23.00 28.40
C GLU B 153 -8.46 23.90 28.09
N PRO B 154 -7.40 23.88 28.92
CA PRO B 154 -7.24 23.10 30.17
C PRO B 154 -7.38 23.94 31.43
N VAL B 155 -6.88 23.42 32.54
CA VAL B 155 -6.82 24.15 33.80
C VAL B 155 -5.76 23.52 34.70
N THR B 156 -4.79 24.33 35.12
CA THR B 156 -3.72 23.83 35.98
C THR B 156 -4.20 23.79 37.42
N VAL B 157 -3.90 22.68 38.11
CA VAL B 157 -4.33 22.45 39.48
C VAL B 157 -3.12 22.01 40.29
N SER B 158 -2.59 22.91 41.11
CA SER B 158 -1.48 22.58 42.00
C SER B 158 -2.06 22.09 43.34
N TRP B 159 -1.28 22.21 44.42
CA TRP B 159 -1.74 21.78 45.73
C TRP B 159 -0.90 22.46 46.79
N ASN B 160 -1.52 23.31 47.60
CA ASN B 160 -0.85 24.06 48.67
C ASN B 160 0.33 24.86 48.11
N SER B 161 0.08 25.58 47.03
CA SER B 161 1.07 26.43 46.37
C SER B 161 2.28 25.62 45.90
N GLY B 162 2.03 24.40 45.44
CA GLY B 162 3.09 23.53 44.96
C GLY B 162 3.93 22.87 46.02
N ALA B 163 3.65 23.12 47.29
CA ALA B 163 4.40 22.53 48.40
C ALA B 163 3.91 21.13 48.76
N LEU B 164 3.12 20.49 47.91
CA LEU B 164 2.63 19.14 48.18
C LEU B 164 2.48 18.43 46.83
N THR B 165 3.52 17.70 46.44
CA THR B 165 3.55 16.96 45.18
C THR B 165 3.99 15.51 45.45
N SER B 166 3.24 14.85 46.34
CA SER B 166 3.50 13.46 46.72
C SER B 166 2.15 12.73 46.75
N GLY B 167 1.57 12.51 45.58
CA GLY B 167 0.27 11.91 45.47
C GLY B 167 -0.71 12.76 44.68
N VAL B 168 -0.21 13.85 44.12
CA VAL B 168 -1.02 14.76 43.30
C VAL B 168 -1.43 14.04 42.03
N HIS B 169 -2.62 13.43 42.05
CA HIS B 169 -3.14 12.69 40.89
C HIS B 169 -4.23 13.53 40.23
N THR B 170 -3.78 14.54 39.49
CA THR B 170 -4.70 15.35 38.69
C THR B 170 -5.24 14.49 37.55
N PHE B 171 -6.50 14.09 37.68
CA PHE B 171 -7.09 13.19 36.71
C PHE B 171 -7.33 13.89 35.37
N PRO B 172 -7.23 13.16 34.26
CA PRO B 172 -7.61 13.73 32.97
C PRO B 172 -9.08 14.13 32.97
N ALA B 173 -9.37 15.28 32.37
CA ALA B 173 -10.73 15.80 32.35
C ALA B 173 -11.62 14.92 31.47
N VAL B 174 -12.89 14.82 31.88
CA VAL B 174 -13.91 14.08 31.14
C VAL B 174 -14.90 15.09 30.57
N LEU B 175 -15.33 14.84 29.34
CA LEU B 175 -16.36 15.67 28.71
C LEU B 175 -17.72 15.14 29.11
N GLN B 176 -18.54 15.99 29.70
CA GLN B 176 -19.85 15.56 30.19
C GLN B 176 -20.91 15.79 29.12
N SER B 177 -22.09 15.22 29.37
CA SER B 177 -23.18 15.27 28.41
C SER B 177 -23.68 16.69 28.15
N SER B 178 -23.34 17.63 29.04
CA SER B 178 -23.71 19.02 28.87
C SER B 178 -22.73 19.80 28.00
N GLY B 179 -21.77 19.13 27.38
CA GLY B 179 -20.76 19.82 26.61
C GLY B 179 -19.77 20.57 27.47
N LEU B 180 -19.42 20.02 28.63
CA LEU B 180 -18.55 20.68 29.59
C LEU B 180 -17.57 19.68 30.16
N TYR B 181 -16.38 20.15 30.48
CA TYR B 181 -15.34 19.31 31.06
C TYR B 181 -15.40 19.34 32.58
N SER B 182 -14.81 18.32 33.20
CA SER B 182 -14.79 18.21 34.66
CA SER B 182 -14.79 18.21 34.66
C SER B 182 -13.72 17.20 35.05
N LEU B 183 -12.77 17.63 35.87
CA LEU B 183 -11.73 16.76 36.41
C LEU B 183 -11.83 16.77 37.93
N SER B 184 -10.88 16.13 38.59
CA SER B 184 -10.88 16.07 40.05
CA SER B 184 -10.88 16.07 40.05
C SER B 184 -9.45 15.76 40.51
N SER B 185 -8.77 16.76 41.02
CA SER B 185 -7.42 16.58 41.54
C SER B 185 -7.47 16.16 43.00
N VAL B 186 -6.46 15.42 43.43
CA VAL B 186 -6.43 14.88 44.78
C VAL B 186 -4.98 14.57 45.15
N VAL B 187 -4.63 14.84 46.41
CA VAL B 187 -3.32 14.53 46.95
C VAL B 187 -3.51 13.61 48.16
N THR B 188 -2.42 12.99 48.58
CA THR B 188 -2.43 12.02 49.67
C THR B 188 -1.73 12.60 50.89
N VAL B 189 -2.38 12.51 52.05
CA VAL B 189 -1.80 12.97 53.31
C VAL B 189 -2.15 11.95 54.39
N PRO B 190 -1.27 11.70 55.35
CA PRO B 190 -1.54 10.70 56.39
C PRO B 190 -2.45 11.26 57.47
N SER B 191 -2.94 10.35 58.32
CA SER B 191 -3.73 10.75 59.47
C SER B 191 -2.91 11.49 60.52
N SER B 192 -1.58 11.33 60.50
CA SER B 192 -0.70 12.09 61.37
C SER B 192 -0.56 13.54 60.94
N SER B 193 -1.04 13.90 59.75
CA SER B 193 -1.00 15.27 59.27
C SER B 193 -2.23 16.08 59.68
N LEU B 194 -3.25 15.43 60.24
CA LEU B 194 -4.45 16.13 60.69
C LEU B 194 -4.24 16.72 62.09
N ASN B 204 -5.73 27.04 38.11
CA ASN B 204 -6.15 28.29 37.48
C ASN B 204 -6.76 28.04 36.10
N HIS B 205 -8.05 28.35 35.96
CA HIS B 205 -8.74 28.22 34.69
C HIS B 205 -8.46 29.47 33.86
N LYS B 206 -7.50 29.38 32.95
CA LYS B 206 -7.15 30.51 32.10
C LYS B 206 -8.32 31.04 31.29
N PRO B 207 -9.24 30.22 30.74
CA PRO B 207 -10.39 30.80 30.04
C PRO B 207 -11.24 31.72 30.89
N SER B 208 -11.25 31.54 32.21
CA SER B 208 -12.03 32.39 33.10
C SER B 208 -11.18 33.24 34.03
N ASN B 209 -9.87 33.01 34.10
CA ASN B 209 -8.96 33.75 34.97
C ASN B 209 -9.42 33.66 36.42
N THR B 210 -9.77 32.45 36.86
CA THR B 210 -10.34 32.22 38.18
C THR B 210 -9.47 31.21 38.92
N LYS B 211 -8.58 31.69 39.79
CA LYS B 211 -7.85 30.84 40.69
C LYS B 211 -8.69 30.55 41.93
N VAL B 212 -8.46 29.39 42.53
CA VAL B 212 -9.22 28.95 43.70
C VAL B 212 -8.26 28.32 44.69
N ASP B 213 -8.04 28.98 45.82
CA ASP B 213 -7.24 28.44 46.92
C ASP B 213 -8.13 27.80 47.97
N LYS B 214 -9.08 26.98 47.52
CA LYS B 214 -10.08 26.38 48.41
C LYS B 214 -9.41 25.39 49.34
N ARG B 215 -9.30 25.75 50.61
CA ARG B 215 -8.77 24.83 51.61
C ARG B 215 -9.78 23.71 51.88
N VAL B 216 -9.26 22.58 52.35
CA VAL B 216 -10.06 21.39 52.60
C VAL B 216 -9.91 20.98 54.07
N GLU B 217 -11.04 20.73 54.73
CA GLU B 217 -11.06 20.24 56.09
C GLU B 217 -12.40 19.58 56.34
N PRO B 218 -12.45 18.46 57.09
CA PRO B 218 -13.72 17.78 57.38
C PRO B 218 -14.61 18.56 58.34
N GLU C 1 -9.70 -0.65 0.07
CA GLU C 1 -8.91 -0.16 1.20
C GLU C 1 -8.18 -1.30 1.91
N ILE C 2 -6.90 -1.09 2.20
CA ILE C 2 -6.10 -2.06 2.92
C ILE C 2 -6.18 -1.77 4.41
N VAL C 3 -6.74 -2.70 5.17
CA VAL C 3 -6.93 -2.53 6.61
C VAL C 3 -5.69 -3.05 7.33
N MET C 4 -5.20 -2.27 8.28
CA MET C 4 -4.03 -2.61 9.08
C MET C 4 -4.50 -2.96 10.50
N THR C 5 -4.21 -4.18 10.93
CA THR C 5 -4.65 -4.67 12.24
C THR C 5 -3.44 -4.98 13.10
N GLN C 6 -3.40 -4.41 14.30
CA GLN C 6 -2.35 -4.68 15.27
C GLN C 6 -2.93 -5.50 16.42
N SER C 7 -2.07 -6.31 17.04
CA SER C 7 -2.49 -7.11 18.18
C SER C 7 -1.28 -7.45 19.03
N PRO C 8 -1.41 -7.45 20.36
CA PRO C 8 -2.62 -7.11 21.14
C PRO C 8 -2.80 -5.61 21.26
N ALA C 9 -3.91 -5.16 21.85
CA ALA C 9 -4.14 -3.73 22.01
C ALA C 9 -3.15 -3.12 22.99
N THR C 10 -2.95 -3.76 24.13
CA THR C 10 -1.98 -3.32 25.13
C THR C 10 -1.06 -4.49 25.46
N LEU C 11 0.23 -4.21 25.53
CA LEU C 11 1.26 -5.23 25.75
C LEU C 11 2.08 -4.82 26.96
N SER C 12 1.89 -5.51 28.07
CA SER C 12 2.51 -5.15 29.35
C SER C 12 3.75 -6.00 29.58
N LEU C 13 4.92 -5.39 29.41
CA LEU C 13 6.20 -6.04 29.64
C LEU C 13 7.03 -5.24 30.65
N SER C 14 8.16 -5.84 31.07
CA SER C 14 9.08 -5.28 32.05
C SER C 14 10.19 -4.49 31.36
N PRO C 15 10.70 -3.44 32.00
CA PRO C 15 11.80 -2.68 31.39
C PRO C 15 13.05 -3.52 31.23
N GLY C 16 13.62 -3.49 30.03
CA GLY C 16 14.82 -4.25 29.72
C GLY C 16 14.58 -5.56 29.01
N GLU C 17 13.36 -5.86 28.60
CA GLU C 17 13.03 -7.10 27.92
C GLU C 17 12.79 -6.84 26.44
N ARG C 18 12.79 -7.92 25.66
CA ARG C 18 12.46 -7.83 24.25
C ARG C 18 10.97 -7.55 24.07
N ALA C 19 10.65 -6.82 23.01
CA ALA C 19 9.27 -6.48 22.68
C ALA C 19 9.03 -6.79 21.21
N THR C 20 7.95 -7.52 20.93
CA THR C 20 7.60 -7.92 19.56
C THR C 20 6.16 -7.51 19.30
N LEU C 21 5.97 -6.47 18.49
CA LEU C 21 4.65 -6.06 18.06
C LEU C 21 4.35 -6.61 16.67
N SER C 22 3.08 -6.82 16.39
CA SER C 22 2.65 -7.40 15.13
C SER C 22 1.72 -6.45 14.39
N CYS C 23 1.65 -6.64 13.07
CA CYS C 23 0.78 -5.83 12.22
C CYS C 23 0.35 -6.71 11.07
N ARG C 24 -0.95 -6.98 10.99
CA ARG C 24 -1.52 -7.83 9.95
C ARG C 24 -2.28 -6.97 8.96
N ALA C 25 -1.89 -7.02 7.70
CA ALA C 25 -2.57 -6.29 6.64
C ALA C 25 -3.59 -7.19 5.95
N SER C 26 -4.77 -6.64 5.68
CA SER C 26 -5.83 -7.41 5.04
C SER C 26 -5.49 -7.79 3.61
N GLN C 27 -4.46 -7.18 3.01
CA GLN C 27 -4.09 -7.46 1.64
C GLN C 27 -2.58 -7.36 1.53
N GLY C 28 -2.04 -8.04 0.52
CA GLY C 28 -0.60 -8.04 0.29
C GLY C 28 -0.02 -6.66 0.05
N VAL C 29 0.95 -6.27 0.86
CA VAL C 29 1.57 -4.95 0.81
C VAL C 29 3.06 -5.11 0.59
N SER C 30 3.61 -4.28 -0.30
CA SER C 30 5.05 -4.27 -0.52
C SER C 30 5.77 -3.85 0.75
N SER C 31 6.91 -4.51 1.03
CA SER C 31 7.70 -4.17 2.20
C SER C 31 8.29 -2.78 2.09
N SER C 32 8.47 -2.26 0.88
CA SER C 32 9.03 -0.92 0.70
C SER C 32 8.06 0.19 1.12
N TYR C 33 6.78 -0.13 1.32
CA TYR C 33 5.76 0.85 1.66
C TYR C 33 5.04 0.45 2.94
N PHE C 34 5.82 0.09 3.94
CA PHE C 34 5.33 -0.23 5.28
C PHE C 34 6.19 0.53 6.29
N SER C 35 5.55 1.07 7.32
CA SER C 35 6.25 1.91 8.28
C SER C 35 5.76 1.64 9.69
N TRP C 36 6.61 1.97 10.66
CA TRP C 36 6.28 1.92 12.07
C TRP C 36 6.43 3.31 12.66
N TYR C 37 5.55 3.65 13.60
CA TYR C 37 5.57 4.96 14.24
C TYR C 37 5.41 4.81 15.74
N GLN C 38 6.10 5.67 16.49
CA GLN C 38 6.01 5.74 17.94
C GLN C 38 5.39 7.07 18.33
N GLN C 39 4.44 7.04 19.27
CA GLN C 39 3.77 8.24 19.74
C GLN C 39 3.60 8.17 21.25
N THR C 40 4.08 9.20 21.93
CA THR C 40 3.94 9.46 23.36
C THR C 40 2.69 10.30 23.61
N PRO C 41 1.88 9.95 24.62
CA PRO C 41 0.67 10.74 24.91
C PRO C 41 1.00 12.20 25.15
N GLY C 42 0.40 13.06 24.33
CA GLY C 42 0.64 14.48 24.36
C GLY C 42 1.58 14.98 23.28
N GLN C 43 2.38 14.11 22.68
CA GLN C 43 3.34 14.49 21.65
C GLN C 43 2.93 13.93 20.31
N ALA C 44 3.60 14.43 19.26
CA ALA C 44 3.33 14.03 17.89
C ALA C 44 3.98 12.68 17.59
N PRO C 45 3.45 11.94 16.61
CA PRO C 45 4.08 10.69 16.22
C PRO C 45 5.46 10.92 15.61
N ARG C 46 6.27 9.86 15.62
CA ARG C 46 7.62 9.91 15.09
C ARG C 46 7.91 8.63 14.32
N LEU C 47 8.61 8.77 13.19
CA LEU C 47 8.93 7.61 12.38
C LEU C 47 10.03 6.78 13.03
N LEU C 48 9.77 5.48 13.21
CA LEU C 48 10.79 4.56 13.70
C LEU C 48 11.40 3.79 12.55
N ILE C 49 10.63 2.86 11.98
CA ILE C 49 11.07 2.01 10.89
C ILE C 49 10.34 2.40 9.63
N SER C 50 11.10 2.69 8.58
CA SER C 50 10.58 2.89 7.24
C SER C 50 10.97 1.71 6.36
N GLY C 51 10.21 1.50 5.29
CA GLY C 51 10.48 0.37 4.43
C GLY C 51 10.41 -0.98 5.11
N ALA C 52 9.66 -1.07 6.22
CA ALA C 52 9.44 -2.30 6.99
C ALA C 52 10.72 -2.88 7.58
N SER C 53 11.85 -2.19 7.45
CA SER C 53 13.11 -2.70 7.99
C SER C 53 14.15 -1.60 8.18
N THR C 54 14.06 -0.54 7.37
CA THR C 54 15.04 0.53 7.42
C THR C 54 14.73 1.47 8.58
N ARG C 55 15.71 1.66 9.47
CA ARG C 55 15.55 2.57 10.59
C ARG C 55 15.61 4.02 10.13
N ALA C 56 14.84 4.87 10.80
CA ALA C 56 14.83 6.29 10.48
C ALA C 56 16.00 7.00 11.17
N THR C 57 16.30 8.20 10.69
CA THR C 57 17.43 8.96 11.19
C THR C 57 17.21 9.32 12.66
N GLY C 58 18.18 8.96 13.51
CA GLY C 58 18.12 9.22 14.92
C GLY C 58 17.50 8.13 15.76
N ILE C 59 16.94 7.10 15.13
CA ILE C 59 16.28 6.02 15.88
C ILE C 59 17.36 5.12 16.48
N PRO C 60 17.27 4.79 17.77
CA PRO C 60 18.31 3.95 18.38
C PRO C 60 18.38 2.58 17.73
N ALA C 61 19.52 1.91 17.96
CA ALA C 61 19.78 0.60 17.39
C ALA C 61 18.92 -0.49 17.98
N ARG C 62 18.26 -0.25 19.12
CA ARG C 62 17.44 -1.27 19.73
C ARG C 62 16.13 -1.52 18.97
N PHE C 63 15.80 -0.68 17.99
CA PHE C 63 14.61 -0.87 17.17
C PHE C 63 14.96 -1.62 15.89
N SER C 64 14.01 -2.45 15.43
CA SER C 64 14.22 -3.23 14.22
C SER C 64 12.87 -3.68 13.69
N GLY C 65 12.77 -3.75 12.37
CA GLY C 65 11.54 -4.18 11.73
C GLY C 65 11.81 -5.30 10.73
N SER C 66 10.77 -6.06 10.46
CA SER C 66 10.86 -7.19 9.53
C SER C 66 9.45 -7.57 9.11
N GLY C 67 9.38 -8.50 8.16
CA GLY C 67 8.11 -9.02 7.67
C GLY C 67 7.92 -8.74 6.19
N SER C 68 6.90 -9.41 5.64
CA SER C 68 6.56 -9.26 4.23
C SER C 68 5.11 -9.65 4.02
N GLY C 69 4.61 -9.37 2.82
CA GLY C 69 3.25 -9.72 2.47
C GLY C 69 2.20 -9.08 3.35
N THR C 70 1.60 -9.87 4.23
CA THR C 70 0.57 -9.39 5.14
C THR C 70 0.98 -9.43 6.60
N ASP C 71 2.17 -9.92 6.90
CA ASP C 71 2.67 -10.01 8.27
C ASP C 71 3.88 -9.11 8.43
N PHE C 72 3.93 -8.36 9.52
CA PHE C 72 5.06 -7.50 9.83
C PHE C 72 5.26 -7.47 11.33
N THR C 73 6.49 -7.21 11.75
CA THR C 73 6.85 -7.28 13.17
C THR C 73 7.84 -6.18 13.51
N LEU C 74 7.53 -5.44 14.57
CA LEU C 74 8.45 -4.48 15.18
C LEU C 74 9.11 -5.14 16.38
N THR C 75 10.43 -4.98 16.49
CA THR C 75 11.18 -5.62 17.57
C THR C 75 12.04 -4.58 18.28
N ILE C 76 11.88 -4.50 19.60
CA ILE C 76 12.69 -3.66 20.47
C ILE C 76 13.59 -4.58 21.29
N SER C 77 14.91 -4.40 21.14
CA SER C 77 15.86 -5.28 21.81
C SER C 77 15.76 -5.16 23.33
N SER C 78 15.84 -3.93 23.84
CA SER C 78 15.73 -3.66 25.26
C SER C 78 14.75 -2.53 25.48
N LEU C 79 13.74 -2.77 26.31
CA LEU C 79 12.76 -1.74 26.61
C LEU C 79 13.37 -0.66 27.49
N GLN C 80 13.27 0.58 27.04
CA GLN C 80 13.72 1.76 27.76
C GLN C 80 12.52 2.57 28.24
N PRO C 81 12.70 3.43 29.25
CA PRO C 81 11.56 4.23 29.73
C PRO C 81 10.92 5.09 28.65
N GLU C 82 11.69 5.51 27.65
CA GLU C 82 11.12 6.24 26.51
C GLU C 82 10.34 5.32 25.59
N ASP C 83 10.71 4.04 25.53
CA ASP C 83 10.10 3.11 24.59
C ASP C 83 8.71 2.65 25.00
N PHE C 84 8.27 2.98 26.22
CA PHE C 84 6.92 2.63 26.66
C PHE C 84 5.96 3.70 26.17
N ALA C 85 5.40 3.49 25.00
CA ALA C 85 4.48 4.44 24.38
C ALA C 85 3.52 3.67 23.48
N VAL C 86 2.88 4.38 22.56
CA VAL C 86 1.95 3.79 21.60
C VAL C 86 2.66 3.64 20.25
N TYR C 87 2.42 2.52 19.58
CA TYR C 87 3.07 2.21 18.32
C TYR C 87 2.02 1.91 17.26
N TYR C 88 2.19 2.49 16.08
CA TYR C 88 1.29 2.29 14.96
C TYR C 88 2.04 1.71 13.77
N CYS C 89 1.29 1.06 12.90
CA CYS C 89 1.79 0.60 11.60
C CYS C 89 0.88 1.14 10.51
N GLN C 90 1.47 1.53 9.39
CA GLN C 90 0.72 2.05 8.26
C GLN C 90 1.22 1.41 6.97
N GLN C 91 0.44 1.63 5.91
CA GLN C 91 0.85 1.30 4.55
C GLN C 91 0.65 2.53 3.69
N ASP C 92 1.71 2.97 3.04
CA ASP C 92 1.64 4.06 2.06
C ASP C 92 1.80 3.49 0.65
N TYR C 93 1.06 2.40 0.41
CA TYR C 93 1.19 1.55 -0.77
C TYR C 93 -0.03 1.56 -1.66
N ASN C 94 -1.20 1.81 -1.10
CA ASN C 94 -2.46 1.86 -1.83
C ASN C 94 -3.32 2.96 -1.25
N LEU C 95 -3.96 3.74 -2.12
CA LEU C 95 -4.85 4.79 -1.64
C LEU C 95 -6.18 4.18 -1.21
N PRO C 96 -6.73 4.58 -0.06
CA PRO C 96 -6.24 5.58 0.89
C PRO C 96 -5.15 5.01 1.79
N TYR C 97 -4.16 5.82 2.16
CA TYR C 97 -3.16 5.39 3.13
C TYR C 97 -3.83 5.18 4.48
N THR C 98 -3.62 4.01 5.07
CA THR C 98 -4.30 3.64 6.29
C THR C 98 -3.30 3.27 7.38
N PHE C 99 -3.74 3.40 8.62
CA PHE C 99 -2.94 3.07 9.80
C PHE C 99 -3.54 1.89 10.54
N GLY C 100 -2.86 1.45 11.59
CA GLY C 100 -3.38 0.45 12.50
C GLY C 100 -3.97 1.10 13.75
N GLN C 101 -4.72 0.29 14.50
CA GLN C 101 -5.39 0.79 15.70
C GLN C 101 -4.39 1.21 16.78
N GLY C 102 -3.18 0.66 16.76
CA GLY C 102 -2.17 1.03 17.72
C GLY C 102 -1.98 -0.01 18.81
N THR C 103 -0.84 0.08 19.50
CA THR C 103 -0.52 -0.82 20.59
C THR C 103 0.29 -0.06 21.64
N LYS C 104 -0.18 -0.09 22.88
CA LYS C 104 0.46 0.62 23.99
C LYS C 104 1.33 -0.36 24.77
N LEU C 105 2.59 0.03 25.00
CA LEU C 105 3.52 -0.76 25.79
C LEU C 105 3.53 -0.24 27.22
N GLU C 106 3.09 -1.06 28.16
CA GLU C 106 2.95 -0.69 29.56
C GLU C 106 4.00 -1.41 30.40
N ILE C 107 4.61 -0.68 31.33
CA ILE C 107 5.62 -1.26 32.20
C ILE C 107 4.96 -2.25 33.15
N LYS C 108 5.44 -3.48 33.16
CA LYS C 108 4.90 -4.51 34.03
C LYS C 108 5.52 -4.41 35.42
N ARG C 109 4.70 -4.66 36.44
CA ARG C 109 5.15 -4.65 37.82
C ARG C 109 4.27 -5.59 38.63
N THR C 110 4.57 -5.70 39.92
CA THR C 110 3.79 -6.53 40.82
C THR C 110 2.38 -5.94 40.98
N VAL C 111 1.45 -6.82 41.37
CA VAL C 111 0.06 -6.40 41.57
C VAL C 111 -0.03 -5.52 42.80
N ALA C 112 -0.91 -4.52 42.75
CA ALA C 112 -1.06 -3.55 43.83
C ALA C 112 -2.52 -3.46 44.23
N ALA C 113 -2.79 -3.62 45.52
CA ALA C 113 -4.14 -3.45 46.03
C ALA C 113 -4.52 -1.98 46.00
N PRO C 114 -5.71 -1.63 45.51
CA PRO C 114 -6.07 -0.20 45.38
C PRO C 114 -6.48 0.37 46.73
N SER C 115 -5.76 1.40 47.18
CA SER C 115 -6.13 2.10 48.40
C SER C 115 -7.43 2.87 48.17
N VAL C 116 -8.57 2.19 48.36
CA VAL C 116 -9.86 2.80 48.08
C VAL C 116 -10.11 3.95 49.05
N PHE C 117 -10.93 4.91 48.62
CA PHE C 117 -11.25 6.07 49.44
C PHE C 117 -12.56 6.67 48.95
N ILE C 118 -13.48 6.92 49.86
CA ILE C 118 -14.80 7.47 49.55
C ILE C 118 -14.77 8.96 49.83
N PHE C 119 -15.31 9.74 48.90
CA PHE C 119 -15.32 11.19 49.01
C PHE C 119 -16.75 11.72 49.05
N PRO C 120 -17.07 12.65 49.96
CA PRO C 120 -18.42 13.16 50.05
CA PRO C 120 -18.42 13.16 50.05
C PRO C 120 -18.65 14.31 49.09
N PRO C 121 -19.89 14.55 48.67
CA PRO C 121 -20.17 15.73 47.85
C PRO C 121 -20.00 17.00 48.67
N SER C 122 -19.57 18.06 47.99
CA SER C 122 -19.26 19.31 48.66
C SER C 122 -20.51 19.94 49.27
N ASP C 123 -20.29 20.87 50.19
CA ASP C 123 -21.40 21.56 50.84
C ASP C 123 -22.14 22.46 49.85
N GLU C 124 -21.40 23.16 48.99
CA GLU C 124 -22.03 24.00 47.97
C GLU C 124 -22.64 23.14 46.86
N SER C 128 -27.07 23.06 45.00
CA SER C 128 -27.29 23.25 43.57
C SER C 128 -28.21 22.19 43.00
N GLY C 129 -28.77 21.36 43.88
CA GLY C 129 -29.68 20.32 43.45
C GLY C 129 -29.05 19.18 42.68
N THR C 130 -27.73 19.04 42.75
CA THR C 130 -27.02 17.97 42.04
C THR C 130 -25.74 17.65 42.77
N ALA C 131 -25.56 16.38 43.13
CA ALA C 131 -24.37 15.91 43.82
C ALA C 131 -23.73 14.78 43.01
N SER C 132 -22.58 14.31 43.48
CA SER C 132 -21.85 13.23 42.81
C SER C 132 -21.02 12.49 43.84
N VAL C 133 -21.07 11.16 43.77
CA VAL C 133 -20.28 10.30 44.65
C VAL C 133 -18.95 10.03 43.96
N VAL C 134 -17.86 10.44 44.61
CA VAL C 134 -16.54 10.43 44.00
C VAL C 134 -15.77 9.24 44.60
N CYS C 135 -15.94 8.08 43.98
CA CYS C 135 -15.14 6.92 44.34
C CYS C 135 -13.71 7.09 43.80
N LEU C 136 -12.77 6.41 44.44
CA LEU C 136 -11.36 6.57 44.07
C LEU C 136 -10.59 5.29 44.34
N LEU C 137 -9.72 4.93 43.39
CA LEU C 137 -8.75 3.86 43.55
C LEU C 137 -7.37 4.48 43.43
N ASN C 138 -6.55 4.32 44.47
CA ASN C 138 -5.25 4.97 44.54
C ASN C 138 -4.16 3.93 44.36
N ASN C 139 -3.33 4.13 43.32
CA ASN C 139 -2.15 3.30 43.07
C ASN C 139 -2.50 1.83 42.93
N PHE C 140 -2.95 1.42 41.75
CA PHE C 140 -3.36 0.03 41.52
C PHE C 140 -2.85 -0.45 40.17
N TYR C 141 -2.47 -1.74 40.12
CA TYR C 141 -2.06 -2.40 38.91
C TYR C 141 -2.77 -3.74 38.85
N PRO C 142 -3.31 -4.15 37.70
CA PRO C 142 -3.29 -3.48 36.39
C PRO C 142 -4.41 -2.48 36.17
N ARG C 143 -4.60 -2.10 34.90
CA ARG C 143 -5.66 -1.17 34.54
C ARG C 143 -7.04 -1.74 34.80
N GLU C 144 -7.20 -3.06 34.64
CA GLU C 144 -8.49 -3.72 34.81
C GLU C 144 -8.90 -3.63 36.28
N ALA C 145 -9.85 -2.74 36.57
CA ALA C 145 -10.37 -2.57 37.93
C ALA C 145 -11.87 -2.30 37.81
N LYS C 146 -12.68 -3.36 37.98
CA LYS C 146 -14.12 -3.25 37.80
C LYS C 146 -14.73 -2.48 38.96
N VAL C 147 -15.23 -1.28 38.67
CA VAL C 147 -15.94 -0.47 39.65
C VAL C 147 -17.42 -0.59 39.33
N GLN C 148 -18.14 -1.36 40.15
CA GLN C 148 -19.59 -1.46 40.09
C GLN C 148 -20.19 -0.58 41.16
N TRP C 149 -21.44 -0.16 40.94
CA TRP C 149 -22.15 0.72 41.86
C TRP C 149 -23.43 0.04 42.30
N LYS C 150 -23.63 -0.04 43.61
CA LYS C 150 -24.80 -0.67 44.22
C LYS C 150 -25.64 0.42 44.86
N VAL C 151 -26.70 0.84 44.17
CA VAL C 151 -27.69 1.76 44.73
C VAL C 151 -28.82 0.91 45.31
N ASP C 152 -28.91 0.88 46.64
CA ASP C 152 -29.85 0.01 47.35
C ASP C 152 -29.64 -1.45 46.95
N ASN C 153 -28.36 -1.87 46.88
CA ASN C 153 -27.98 -3.23 46.52
C ASN C 153 -28.48 -3.60 45.13
N ALA C 154 -28.24 -2.70 44.17
CA ALA C 154 -28.64 -2.91 42.78
C ALA C 154 -27.57 -2.35 41.87
N LEU C 155 -27.14 -3.17 40.90
CA LEU C 155 -26.10 -2.76 39.97
C LEU C 155 -26.62 -1.64 39.07
N GLN C 156 -26.02 -0.46 39.18
CA GLN C 156 -26.43 0.72 38.42
C GLN C 156 -25.32 1.03 37.42
N SER C 157 -25.40 0.42 36.24
CA SER C 157 -24.44 0.67 35.19
C SER C 157 -24.83 1.90 34.38
N GLY C 158 -23.92 2.35 33.53
CA GLY C 158 -24.18 3.49 32.68
C GLY C 158 -24.26 4.83 33.40
N ASN C 159 -23.77 4.90 34.63
CA ASN C 159 -23.77 6.15 35.38
C ASN C 159 -22.41 6.46 36.01
N SER C 160 -21.39 5.67 35.75
CA SER C 160 -20.07 5.84 36.35
C SER C 160 -19.18 6.58 35.35
N GLN C 161 -18.92 7.86 35.61
CA GLN C 161 -18.03 8.66 34.78
C GLN C 161 -16.61 8.48 35.30
N GLU C 162 -15.87 7.59 34.66
CA GLU C 162 -14.54 7.22 35.13
C GLU C 162 -13.47 8.04 34.42
N SER C 163 -12.32 8.15 35.07
CA SER C 163 -11.15 8.82 34.52
C SER C 163 -9.91 8.17 35.12
N VAL C 164 -8.99 7.73 34.26
CA VAL C 164 -7.80 7.01 34.69
C VAL C 164 -6.57 7.85 34.38
N THR C 165 -5.69 7.98 35.36
CA THR C 165 -4.43 8.69 35.14
C THR C 165 -3.47 7.82 34.34
N GLU C 166 -2.45 8.48 33.79
CA GLU C 166 -1.39 7.75 33.10
C GLU C 166 -0.64 6.86 34.08
N GLN C 167 0.07 5.88 33.52
CA GLN C 167 0.87 4.99 34.36
C GLN C 167 1.96 5.78 35.06
N ASP C 168 2.14 5.51 36.35
CA ASP C 168 3.12 6.24 37.15
C ASP C 168 4.52 6.06 36.55
N SER C 169 5.22 7.18 36.39
CA SER C 169 6.57 7.18 35.86
C SER C 169 7.63 6.84 36.91
N LYS C 170 7.21 6.21 38.02
CA LYS C 170 8.14 5.83 39.08
C LYS C 170 7.65 4.59 39.80
N ASP C 171 6.32 4.44 39.91
CA ASP C 171 5.73 3.30 40.60
C ASP C 171 4.89 2.41 39.70
N SER C 172 4.62 2.82 38.46
CA SER C 172 3.88 2.00 37.49
C SER C 172 2.49 1.65 38.01
N THR C 173 1.83 2.61 38.66
CA THR C 173 0.52 2.42 39.23
C THR C 173 -0.47 3.42 38.63
N TYR C 174 -1.73 3.01 38.54
CA TYR C 174 -2.78 3.84 37.99
C TYR C 174 -3.65 4.43 39.09
N SER C 175 -4.48 5.39 38.71
CA SER C 175 -5.45 6.01 39.60
C SER C 175 -6.76 6.17 38.85
N LEU C 176 -7.87 5.85 39.51
CA LEU C 176 -9.19 5.87 38.90
C LEU C 176 -10.14 6.67 39.78
N SER C 177 -10.87 7.60 39.17
CA SER C 177 -11.83 8.45 39.85
C SER C 177 -13.20 8.21 39.24
N SER C 178 -13.89 7.18 39.75
CA SER C 178 -15.23 6.84 39.29
C SER C 178 -16.24 7.77 39.96
N THR C 179 -16.87 8.64 39.17
CA THR C 179 -17.84 9.60 39.68
C THR C 179 -19.25 9.13 39.33
N LEU C 180 -20.08 8.95 40.35
CA LEU C 180 -21.46 8.51 40.17
C LEU C 180 -22.31 9.73 39.83
N THR C 181 -22.68 9.86 38.55
CA THR C 181 -23.48 10.99 38.11
C THR C 181 -24.92 10.79 38.57
N LEU C 182 -25.41 11.70 39.41
CA LEU C 182 -26.77 11.65 39.92
C LEU C 182 -27.19 13.06 40.33
N SER C 183 -28.38 13.17 40.90
CA SER C 183 -28.92 14.43 41.36
C SER C 183 -29.16 14.38 42.86
N LYS C 184 -29.35 15.56 43.46
CA LYS C 184 -29.60 15.62 44.89
C LYS C 184 -30.95 15.03 45.26
N ALA C 185 -31.90 15.00 44.32
CA ALA C 185 -33.19 14.39 44.59
C ALA C 185 -33.09 12.88 44.62
N ASP C 186 -32.40 12.29 43.64
CA ASP C 186 -32.22 10.84 43.64
C ASP C 186 -31.30 10.38 44.76
N TYR C 187 -30.37 11.24 45.18
CA TYR C 187 -29.50 10.89 46.31
C TYR C 187 -30.28 10.81 47.61
N GLU C 188 -31.26 11.70 47.78
CA GLU C 188 -32.10 11.70 48.98
C GLU C 188 -33.27 10.74 48.90
N LYS C 189 -33.39 10.01 47.78
CA LYS C 189 -34.44 9.00 47.62
C LYS C 189 -33.97 7.59 47.96
N HIS C 190 -32.67 7.39 48.17
CA HIS C 190 -32.11 6.09 48.50
C HIS C 190 -31.29 6.21 49.79
N LYS C 191 -30.70 5.08 50.20
CA LYS C 191 -29.91 5.03 51.43
C LYS C 191 -28.57 4.37 51.18
N VAL C 192 -28.53 3.37 50.32
CA VAL C 192 -27.30 2.66 49.99
C VAL C 192 -26.81 3.16 48.63
N TYR C 193 -25.57 3.65 48.59
CA TYR C 193 -24.96 4.12 47.36
C TYR C 193 -23.45 4.00 47.44
N ALA C 194 -22.93 2.79 47.20
CA ALA C 194 -21.50 2.53 47.33
C ALA C 194 -20.94 2.01 46.02
N CYS C 195 -19.61 2.06 45.91
CA CYS C 195 -18.90 1.53 44.76
C CYS C 195 -18.24 0.21 45.14
N GLU C 196 -18.49 -0.82 44.34
CA GLU C 196 -17.93 -2.15 44.56
C GLU C 196 -16.71 -2.31 43.67
N VAL C 197 -15.54 -2.42 44.29
CA VAL C 197 -14.26 -2.49 43.59
C VAL C 197 -13.88 -3.96 43.43
N THR C 198 -13.87 -4.43 42.19
CA THR C 198 -13.49 -5.81 41.91
C THR C 198 -12.14 -5.84 41.22
N HIS C 199 -11.10 -5.35 41.89
CA HIS C 199 -9.76 -5.36 41.32
C HIS C 199 -9.26 -6.79 41.21
N GLN C 200 -8.67 -7.12 40.06
CA GLN C 200 -8.11 -8.44 39.84
C GLN C 200 -7.06 -8.82 40.87
N GLY C 201 -6.47 -7.84 41.54
CA GLY C 201 -5.49 -8.08 42.57
C GLY C 201 -6.02 -8.21 43.98
N LEU C 202 -7.33 -8.07 44.16
CA LEU C 202 -7.96 -8.19 45.46
C LEU C 202 -8.53 -9.60 45.65
N SER C 203 -8.85 -9.91 46.90
CA SER C 203 -9.47 -11.18 47.24
C SER C 203 -10.91 -11.02 47.70
N SER C 204 -11.42 -9.80 47.77
CA SER C 204 -12.79 -9.54 48.18
C SER C 204 -13.24 -8.17 47.69
N PRO C 205 -14.36 -8.07 46.99
CA PRO C 205 -14.88 -6.76 46.56
C PRO C 205 -15.20 -5.88 47.75
N VAL C 206 -14.60 -4.69 47.77
CA VAL C 206 -14.76 -3.77 48.90
C VAL C 206 -15.91 -2.82 48.65
N THR C 207 -16.31 -2.08 49.68
CA THR C 207 -17.37 -1.09 49.56
C THR C 207 -17.17 -0.04 50.65
N LYS C 208 -17.63 1.18 50.37
CA LYS C 208 -17.48 2.29 51.31
C LYS C 208 -18.49 3.37 50.96
N SER C 209 -19.42 3.63 51.87
CA SER C 209 -20.42 4.68 51.70
C SER C 209 -21.04 4.96 53.06
N PHE C 210 -22.15 5.70 53.05
CA PHE C 210 -22.87 6.03 54.27
C PHE C 210 -24.30 6.43 53.92
N ASN C 211 -25.18 6.36 54.90
CA ASN C 211 -26.57 6.74 54.71
C ASN C 211 -26.68 8.25 54.59
N ARG C 212 -26.90 8.73 53.36
CA ARG C 212 -27.08 10.16 53.09
C ARG C 212 -25.87 10.97 53.54
N PHE D 1 16.91 -10.21 -14.74
CA PHE D 1 16.97 -9.86 -13.32
C PHE D 1 15.87 -8.85 -13.00
N LEU D 2 14.84 -9.31 -12.31
CA LEU D 2 13.68 -8.48 -12.04
C LEU D 2 14.04 -7.34 -11.09
N PRO D 3 13.41 -6.19 -11.26
CA PRO D 3 13.62 -5.09 -10.31
C PRO D 3 12.96 -5.39 -8.97
N SER D 4 13.47 -4.75 -7.93
CA SER D 4 12.92 -4.93 -6.60
C SER D 4 11.51 -4.35 -6.51
N ASP D 5 10.84 -4.64 -5.40
CA ASP D 5 9.44 -4.26 -5.22
C ASP D 5 9.36 -2.80 -4.74
N PHE D 6 9.71 -1.89 -5.64
CA PHE D 6 9.64 -0.46 -5.37
C PHE D 6 8.42 0.20 -6.00
N PHE D 7 7.59 -0.55 -6.72
CA PHE D 7 6.37 0.00 -7.31
C PHE D 7 5.21 -0.16 -6.33
N PRO D 8 4.54 0.92 -5.95
CA PRO D 8 3.31 0.79 -5.16
C PRO D 8 2.14 0.46 -6.05
N SER D 9 0.93 0.45 -5.50
CA SER D 9 -0.25 0.21 -6.33
C SER D 9 -0.43 1.37 -7.31
N VAL D 10 -1.38 1.19 -8.23
CA VAL D 10 -1.79 2.27 -9.12
C VAL D 10 -2.79 3.17 -8.39
N ILE E 2 -12.25 -2.17 -28.18
CA ILE E 2 -11.52 -2.67 -27.03
C ILE E 2 -11.12 -4.13 -27.28
N GLN E 3 -11.78 -4.77 -28.24
CA GLN E 3 -11.54 -6.16 -28.58
C GLN E 3 -10.98 -6.25 -30.00
N ARG E 4 -9.87 -6.97 -30.15
CA ARG E 4 -9.21 -7.16 -31.44
C ARG E 4 -9.28 -8.64 -31.82
N THR E 5 -9.67 -8.90 -33.07
CA THR E 5 -9.79 -10.29 -33.52
C THR E 5 -8.42 -10.86 -33.84
N PRO E 6 -8.19 -12.15 -33.59
CA PRO E 6 -6.85 -12.71 -33.78
C PRO E 6 -6.51 -12.92 -35.25
N LYS E 7 -5.24 -12.73 -35.58
CA LYS E 7 -4.70 -13.08 -36.88
C LYS E 7 -4.04 -14.45 -36.79
N ILE E 8 -4.29 -15.29 -37.79
CA ILE E 8 -3.92 -16.70 -37.75
C ILE E 8 -2.93 -16.98 -38.88
N GLN E 9 -1.85 -17.71 -38.55
CA GLN E 9 -0.91 -18.21 -39.54
C GLN E 9 -0.66 -19.69 -39.26
N VAL E 10 -0.93 -20.54 -40.24
CA VAL E 10 -0.72 -21.98 -40.12
C VAL E 10 0.38 -22.36 -41.10
N TYR E 11 1.43 -23.00 -40.59
CA TYR E 11 2.61 -23.26 -41.39
C TYR E 11 3.45 -24.34 -40.70
N SER E 12 4.32 -24.97 -41.48
CA SER E 12 5.25 -25.96 -40.96
C SER E 12 6.57 -25.30 -40.58
N ARG E 13 7.28 -25.92 -39.65
CA ARG E 13 8.59 -25.43 -39.24
C ARG E 13 9.58 -25.56 -40.38
N HIS E 14 10.03 -26.78 -40.66
CA HIS E 14 10.90 -27.03 -41.79
C HIS E 14 10.07 -27.14 -43.08
N PRO E 15 10.70 -26.97 -44.24
CA PRO E 15 9.98 -27.19 -45.49
C PRO E 15 9.36 -28.58 -45.53
N ALA E 16 8.07 -28.63 -45.88
CA ALA E 16 7.31 -29.86 -45.78
C ALA E 16 7.83 -30.92 -46.77
N GLU E 17 7.82 -32.17 -46.33
CA GLU E 17 8.21 -33.30 -47.16
C GLU E 17 7.41 -34.51 -46.74
N ASN E 18 6.75 -35.15 -47.70
CA ASN E 18 5.89 -36.29 -47.40
C ASN E 18 6.72 -37.44 -46.82
N GLY E 19 6.21 -38.03 -45.74
CA GLY E 19 6.88 -39.11 -45.05
C GLY E 19 7.82 -38.67 -43.94
N LYS E 20 8.43 -37.50 -44.07
CA LYS E 20 9.35 -36.99 -43.06
C LYS E 20 8.59 -36.26 -41.96
N SER E 21 9.10 -36.38 -40.74
CA SER E 21 8.46 -35.74 -39.60
C SER E 21 8.70 -34.23 -39.61
N ASN E 22 7.74 -33.49 -39.08
CA ASN E 22 7.81 -32.03 -39.08
C ASN E 22 6.97 -31.51 -37.91
N PHE E 23 6.99 -30.20 -37.72
CA PHE E 23 6.21 -29.52 -36.69
C PHE E 23 5.19 -28.62 -37.37
N LEU E 24 3.92 -28.80 -37.03
CA LEU E 24 2.84 -27.97 -37.56
C LEU E 24 2.58 -26.83 -36.59
N ASN E 25 2.83 -25.60 -37.03
CA ASN E 25 2.67 -24.43 -36.19
C ASN E 25 1.39 -23.69 -36.57
N CYS E 26 0.71 -23.14 -35.57
CA CYS E 26 -0.42 -22.23 -35.77
C CYS E 26 -0.11 -20.98 -34.94
N TYR E 27 0.27 -19.90 -35.63
CA TYR E 27 0.65 -18.66 -34.98
C TYR E 27 -0.57 -17.76 -34.88
N VAL E 28 -1.01 -17.49 -33.65
CA VAL E 28 -2.15 -16.63 -33.37
C VAL E 28 -1.62 -15.35 -32.74
N SER E 29 -2.02 -14.20 -33.30
CA SER E 29 -1.48 -12.93 -32.86
C SER E 29 -2.52 -11.82 -33.03
N GLY E 30 -2.29 -10.71 -32.34
CA GLY E 30 -3.11 -9.52 -32.49
C GLY E 30 -4.51 -9.64 -31.96
N PHE E 31 -4.70 -10.29 -30.80
CA PHE E 31 -6.01 -10.47 -30.22
C PHE E 31 -6.06 -9.89 -28.81
N HIS E 32 -7.27 -9.51 -28.39
CA HIS E 32 -7.52 -9.00 -27.05
C HIS E 32 -8.99 -9.22 -26.73
N PRO E 33 -9.34 -9.73 -25.54
CA PRO E 33 -8.46 -10.11 -24.42
C PRO E 33 -7.68 -11.40 -24.65
N SER E 34 -6.99 -11.89 -23.61
CA SER E 34 -6.05 -12.99 -23.76
C SER E 34 -6.71 -14.36 -23.74
N ASP E 35 -7.97 -14.47 -23.35
CA ASP E 35 -8.67 -15.76 -23.35
C ASP E 35 -8.93 -16.18 -24.80
N ILE E 36 -8.30 -17.26 -25.23
CA ILE E 36 -8.45 -17.76 -26.60
C ILE E 36 -8.30 -19.28 -26.58
N GLU E 37 -9.08 -19.95 -27.43
CA GLU E 37 -9.04 -21.41 -27.55
C GLU E 37 -8.61 -21.77 -28.96
N VAL E 38 -7.51 -22.51 -29.07
CA VAL E 38 -6.92 -22.87 -30.36
C VAL E 38 -6.74 -24.38 -30.41
N ASP E 39 -7.18 -24.99 -31.51
CA ASP E 39 -7.05 -26.42 -31.72
C ASP E 39 -6.55 -26.68 -33.13
N LEU E 40 -5.63 -27.65 -33.26
CA LEU E 40 -5.12 -28.06 -34.56
C LEU E 40 -5.96 -29.21 -35.09
N LEU E 41 -6.17 -29.22 -36.41
CA LEU E 41 -7.08 -30.17 -37.03
C LEU E 41 -6.36 -30.94 -38.13
N LYS E 42 -6.62 -32.25 -38.17
CA LYS E 42 -6.10 -33.13 -39.21
C LYS E 42 -7.26 -33.94 -39.78
N ASN E 43 -7.68 -33.59 -41.00
CA ASN E 43 -8.86 -34.19 -41.62
C ASN E 43 -10.10 -34.03 -40.75
N GLY E 44 -10.19 -32.91 -40.03
CA GLY E 44 -11.25 -32.69 -39.07
C GLY E 44 -10.97 -33.24 -37.69
N GLU E 45 -10.11 -34.26 -37.58
CA GLU E 45 -9.78 -34.83 -36.28
C GLU E 45 -8.96 -33.82 -35.47
N ARG E 46 -9.36 -33.62 -34.22
CA ARG E 46 -8.68 -32.68 -33.34
C ARG E 46 -7.47 -33.35 -32.70
N ILE E 47 -6.27 -32.84 -33.02
CA ILE E 47 -5.05 -33.40 -32.45
C ILE E 47 -4.97 -33.06 -30.97
N GLU E 48 -4.56 -34.04 -30.16
CA GLU E 48 -4.47 -33.86 -28.72
C GLU E 48 -3.06 -33.59 -28.23
N LYS E 49 -2.03 -34.06 -28.93
CA LYS E 49 -0.65 -33.81 -28.54
C LYS E 49 -0.19 -32.43 -29.05
N VAL E 50 -0.83 -31.40 -28.50
CA VAL E 50 -0.61 -30.02 -28.92
C VAL E 50 -0.03 -29.24 -27.75
N GLU E 51 0.99 -28.43 -28.04
CA GLU E 51 1.63 -27.57 -27.06
C GLU E 51 1.51 -26.13 -27.51
N HIS E 52 1.77 -25.21 -26.58
CA HIS E 52 1.66 -23.78 -26.88
C HIS E 52 2.77 -23.02 -26.18
N SER E 53 3.15 -21.89 -26.75
CA SER E 53 4.15 -21.02 -26.16
C SER E 53 3.54 -20.24 -25.00
N ASP E 54 4.37 -19.40 -24.39
CA ASP E 54 3.95 -18.60 -23.25
C ASP E 54 3.26 -17.33 -23.72
N LEU E 55 2.38 -16.80 -22.87
CA LEU E 55 1.60 -15.62 -23.24
C LEU E 55 2.47 -14.37 -23.20
N SER E 56 2.38 -13.57 -24.25
CA SER E 56 3.08 -12.30 -24.31
CA SER E 56 3.09 -12.30 -24.32
C SER E 56 2.36 -11.40 -25.30
N PHE E 57 2.67 -10.11 -25.23
CA PHE E 57 1.99 -9.12 -26.04
C PHE E 57 3.00 -8.27 -26.81
N SER E 58 2.50 -7.58 -27.83
CA SER E 58 3.32 -6.78 -28.72
C SER E 58 3.36 -5.34 -28.21
N LYS E 59 3.74 -4.39 -29.09
CA LYS E 59 3.82 -3.00 -28.67
C LYS E 59 2.44 -2.36 -28.52
N ASP E 60 1.45 -2.87 -29.26
CA ASP E 60 0.08 -2.38 -29.17
C ASP E 60 -0.75 -3.16 -28.15
N TRP E 61 -0.10 -3.86 -27.22
CA TRP E 61 -0.70 -4.62 -26.13
C TRP E 61 -1.43 -5.88 -26.59
N SER E 62 -1.51 -6.15 -27.89
CA SER E 62 -2.20 -7.34 -28.36
C SER E 62 -1.36 -8.58 -28.10
N PHE E 63 -2.02 -9.65 -27.65
CA PHE E 63 -1.33 -10.87 -27.29
C PHE E 63 -1.04 -11.71 -28.53
N TYR E 64 -0.05 -12.60 -28.40
CA TYR E 64 0.26 -13.56 -29.45
C TYR E 64 0.65 -14.89 -28.83
N LEU E 65 0.31 -15.98 -29.50
CA LEU E 65 0.60 -17.32 -29.03
C LEU E 65 0.92 -18.23 -30.21
N LEU E 66 1.79 -19.21 -29.98
CA LEU E 66 2.18 -20.19 -30.98
C LEU E 66 1.79 -21.58 -30.49
N TYR E 67 0.86 -22.22 -31.21
CA TYR E 67 0.45 -23.59 -30.92
C TYR E 67 1.08 -24.51 -31.95
N TYR E 68 1.73 -25.59 -31.48
CA TYR E 68 2.48 -26.46 -32.36
C TYR E 68 2.27 -27.91 -31.97
N THR E 69 2.63 -28.79 -32.89
CA THR E 69 2.60 -30.24 -32.68
C THR E 69 3.46 -30.90 -33.74
N GLU E 70 3.90 -32.12 -33.45
CA GLU E 70 4.69 -32.91 -34.39
C GLU E 70 3.76 -33.67 -35.32
N PHE E 71 4.05 -33.61 -36.63
CA PHE E 71 3.22 -34.28 -37.62
C PHE E 71 4.08 -34.68 -38.80
N THR E 72 3.50 -35.50 -39.67
CA THR E 72 4.14 -35.89 -40.93
C THR E 72 3.26 -35.43 -42.08
N PRO E 73 3.72 -34.51 -42.93
CA PRO E 73 2.87 -34.01 -44.02
C PRO E 73 2.65 -35.05 -45.11
N THR E 74 1.85 -36.07 -44.82
CA THR E 74 1.52 -37.06 -45.83
C THR E 74 0.59 -36.47 -46.88
N GLU E 75 0.55 -37.12 -48.04
CA GLU E 75 -0.34 -36.69 -49.10
C GLU E 75 -1.78 -37.10 -48.79
N LYS E 76 -2.73 -36.32 -49.31
CA LYS E 76 -4.16 -36.55 -49.10
C LYS E 76 -4.53 -36.49 -47.62
N ASP E 77 -3.78 -35.71 -46.85
CA ASP E 77 -4.08 -35.48 -45.43
C ASP E 77 -4.06 -33.97 -45.19
N GLU E 78 -5.24 -33.36 -45.15
CA GLU E 78 -5.35 -31.93 -44.96
C GLU E 78 -5.23 -31.58 -43.48
N TYR E 79 -4.52 -30.49 -43.20
CA TYR E 79 -4.35 -29.98 -41.85
C TYR E 79 -4.86 -28.55 -41.77
N ALA E 80 -5.39 -28.19 -40.60
CA ALA E 80 -5.95 -26.86 -40.39
C ALA E 80 -5.83 -26.48 -38.92
N CYS E 81 -6.19 -25.23 -38.63
CA CYS E 81 -6.13 -24.70 -37.27
C CYS E 81 -7.43 -24.00 -36.96
N ARG E 82 -8.03 -24.34 -35.82
CA ARG E 82 -9.30 -23.76 -35.38
C ARG E 82 -9.05 -22.83 -34.20
N VAL E 83 -9.64 -21.64 -34.26
CA VAL E 83 -9.42 -20.60 -33.26
C VAL E 83 -10.77 -20.06 -32.81
N ASN E 84 -10.93 -19.93 -31.49
CA ASN E 84 -12.16 -19.41 -30.90
C ASN E 84 -11.81 -18.21 -30.02
N HIS E 85 -12.58 -17.14 -30.14
CA HIS E 85 -12.30 -15.91 -29.41
C HIS E 85 -13.60 -15.17 -29.17
N VAL E 86 -13.57 -14.23 -28.23
CA VAL E 86 -14.77 -13.45 -27.92
C VAL E 86 -15.17 -12.54 -29.07
N THR E 87 -14.22 -12.19 -29.95
CA THR E 87 -14.52 -11.38 -31.12
C THR E 87 -15.18 -12.16 -32.23
N LEU E 88 -15.17 -13.50 -32.16
CA LEU E 88 -15.70 -14.35 -33.21
C LEU E 88 -17.01 -14.97 -32.74
N SER E 89 -18.08 -14.76 -33.50
CA SER E 89 -19.34 -15.42 -33.20
C SER E 89 -19.27 -16.91 -33.51
N GLN E 90 -18.43 -17.30 -34.47
CA GLN E 90 -18.23 -18.69 -34.86
C GLN E 90 -16.75 -19.00 -34.82
N PRO E 91 -16.39 -20.26 -34.52
CA PRO E 91 -14.97 -20.64 -34.58
C PRO E 91 -14.41 -20.47 -35.99
N LYS E 92 -13.19 -19.95 -36.07
CA LYS E 92 -12.53 -19.66 -37.33
C LYS E 92 -11.49 -20.72 -37.63
N ILE E 93 -11.55 -21.29 -38.83
CA ILE E 93 -10.63 -22.33 -39.26
C ILE E 93 -9.83 -21.81 -40.45
N VAL E 94 -8.55 -22.20 -40.51
CA VAL E 94 -7.66 -21.82 -41.61
C VAL E 94 -6.88 -23.06 -42.01
N LYS E 95 -7.04 -23.49 -43.26
CA LYS E 95 -6.33 -24.67 -43.74
C LYS E 95 -4.85 -24.37 -43.92
N TRP E 96 -4.03 -25.37 -43.63
CA TRP E 96 -2.58 -25.24 -43.80
C TRP E 96 -2.21 -25.35 -45.27
N ASP E 97 -1.46 -24.37 -45.76
CA ASP E 97 -1.01 -24.34 -47.15
C ASP E 97 0.51 -24.50 -47.18
N ARG E 98 0.98 -25.42 -48.03
CA ARG E 98 2.41 -25.66 -48.14
C ARG E 98 3.16 -24.47 -48.73
N ASP E 99 2.47 -23.61 -49.48
CA ASP E 99 3.07 -22.40 -50.04
C ASP E 99 2.92 -21.19 -49.13
N MET E 100 2.36 -21.37 -47.94
CA MET E 100 2.18 -20.27 -46.98
C MET E 100 2.99 -20.52 -45.71
#